data_7PLE
#
_entry.id   7PLE
#
_cell.length_a   112.950
_cell.length_b   112.950
_cell.length_c   204.410
_cell.angle_alpha   90.000
_cell.angle_beta   90.000
_cell.angle_gamma   120.000
#
_symmetry.space_group_name_H-M   'P 32 2 1'
#
loop_
_entity.id
_entity.type
_entity.pdbx_description
1 polymer 'NADPH-dependent FMN reductase'
2 water water
#
_entity_poly.entity_id   1
_entity_poly.type   'polypeptide(L)'
_entity_poly.pdbx_seq_one_letter_code
;MRGSHHHHHHGMASMTGGQQMGRDLYDDDDKDHPFTMIPDLPNLSPGAVHQPDLPPVPRATHPPRILLLYGSLRERSYSR
FATLEAERLLRHFGCETRVFHANGLPLPEDADPSHPKVQELRDLCLWSEGQVWTSPERHGAMTGVMKSQIDWIPLSMGAI
RPTQGRTLAVMQVSGGSQSFNAVNQMRVLGRWMRMLTIPNQSSVARAYQEFDEAGRMRPSSYYDRIVDVMEELVKFTLAT
RDLSAFLTDRYSERKEAAAKLEERVNLKAAT
;
_entity_poly.pdbx_strand_id   A,B,C,D
#
# COMPACT_ATOMS: atom_id res chain seq x y z
N ARG A 23 -28.82 -37.37 -9.10
CA ARG A 23 -27.65 -36.59 -8.73
C ARG A 23 -27.57 -35.31 -9.52
N ASP A 24 -27.20 -34.22 -8.86
CA ASP A 24 -27.06 -32.93 -9.53
C ASP A 24 -25.92 -32.07 -8.97
N LEU A 25 -25.17 -32.55 -7.97
CA LEU A 25 -24.04 -31.82 -7.39
C LEU A 25 -23.39 -32.79 -6.39
N TYR A 26 -22.46 -32.28 -5.58
CA TYR A 26 -21.90 -33.03 -4.46
C TYR A 26 -21.29 -32.04 -3.46
N ASP A 27 -22.14 -31.48 -2.56
CA ASP A 27 -21.83 -30.54 -1.48
C ASP A 27 -21.83 -29.07 -1.92
N ASP A 28 -22.00 -28.76 -3.20
CA ASP A 28 -21.86 -27.40 -3.71
C ASP A 28 -23.15 -26.98 -4.41
N ASP A 29 -24.08 -26.44 -3.62
CA ASP A 29 -25.41 -26.16 -4.14
C ASP A 29 -25.40 -25.09 -5.23
N ASP A 30 -24.50 -24.11 -5.14
CA ASP A 30 -24.65 -22.90 -5.95
C ASP A 30 -24.04 -22.98 -7.34
N LYS A 31 -23.30 -24.04 -7.67
CA LYS A 31 -22.65 -24.11 -8.98
C LYS A 31 -23.60 -24.65 -10.04
N ASP A 32 -23.56 -24.04 -11.23
CA ASP A 32 -24.27 -24.55 -12.39
C ASP A 32 -23.41 -25.64 -12.99
N HIS A 33 -23.78 -26.89 -12.74
CA HIS A 33 -22.95 -28.02 -13.12
C HIS A 33 -22.42 -28.00 -14.55
N PRO A 34 -23.18 -27.61 -15.57
CA PRO A 34 -22.63 -27.68 -16.93
C PRO A 34 -21.46 -26.74 -17.19
N PHE A 35 -21.41 -25.58 -16.54
CA PHE A 35 -20.34 -24.62 -16.75
C PHE A 35 -19.08 -24.94 -15.95
N THR A 36 -19.04 -26.07 -15.24
CA THR A 36 -17.90 -26.41 -14.41
C THR A 36 -16.89 -27.22 -15.20
N MET A 37 -15.61 -26.91 -15.00
CA MET A 37 -14.52 -27.60 -15.69
C MET A 37 -13.36 -27.81 -14.74
N ILE A 38 -12.79 -29.01 -14.74
CA ILE A 38 -11.60 -29.28 -13.94
C ILE A 38 -10.38 -28.81 -14.72
N PRO A 39 -9.44 -28.09 -14.10
CA PRO A 39 -8.25 -27.64 -14.82
C PRO A 39 -7.12 -28.66 -14.76
N ASP A 40 -6.63 -29.12 -15.91
CA ASP A 40 -5.59 -30.15 -15.92
C ASP A 40 -4.19 -29.97 -16.56
N LEU A 41 -4.12 -30.06 -17.89
CA LEU A 41 -2.85 -29.92 -18.57
C LEU A 41 -3.00 -29.19 -19.90
N PRO A 42 -4.24 -28.91 -20.31
CA PRO A 42 -4.26 -28.20 -21.59
C PRO A 42 -3.31 -27.01 -21.59
N GLY A 47 -1.88 -27.41 -29.24
CA GLY A 47 -1.69 -26.09 -28.66
C GLY A 47 -0.58 -26.04 -27.65
N ALA A 48 0.64 -26.32 -28.09
CA ALA A 48 1.81 -26.27 -27.23
C ALA A 48 3.02 -25.89 -28.08
N VAL A 49 3.68 -24.80 -27.69
CA VAL A 49 4.82 -24.32 -28.45
C VAL A 49 6.09 -24.91 -27.85
N THR A 61 8.07 -17.58 -31.36
CA THR A 61 8.81 -18.27 -30.30
C THR A 61 9.55 -17.28 -29.41
N HIS A 62 10.41 -16.45 -30.02
CA HIS A 62 11.08 -15.39 -29.29
C HIS A 62 10.02 -14.59 -28.54
N PRO A 63 10.00 -14.61 -27.22
CA PRO A 63 8.85 -14.09 -26.48
C PRO A 63 8.85 -12.57 -26.52
N PRO A 64 7.80 -11.95 -27.08
CA PRO A 64 7.68 -10.49 -26.99
C PRO A 64 7.61 -10.01 -25.55
N ARG A 65 8.56 -9.16 -25.17
CA ARG A 65 8.57 -8.53 -23.85
C ARG A 65 8.72 -7.03 -24.07
N ILE A 66 7.69 -6.27 -23.77
CA ILE A 66 7.73 -4.82 -23.91
C ILE A 66 8.11 -4.18 -22.59
N LEU A 67 9.01 -3.22 -22.65
CA LEU A 67 9.47 -2.50 -21.47
C LEU A 67 8.90 -1.08 -21.50
N LEU A 68 8.22 -0.70 -20.43
CA LEU A 68 7.67 0.65 -20.29
C LEU A 68 8.63 1.39 -19.37
N LEU A 69 9.58 2.10 -19.99
CA LEU A 69 10.55 2.91 -19.26
C LEU A 69 9.88 4.06 -18.53
N TYR A 70 8.56 4.20 -18.69
CA TYR A 70 7.84 5.36 -18.17
C TYR A 70 8.20 5.63 -16.72
N GLY A 71 7.93 6.85 -16.25
CA GLY A 71 8.37 7.32 -14.95
C GLY A 71 9.21 8.57 -15.06
N SER A 72 9.96 8.72 -16.15
CA SER A 72 10.72 9.93 -16.38
C SER A 72 10.76 10.25 -17.86
N LEU A 73 10.35 11.47 -18.21
CA LEU A 73 10.65 12.04 -19.51
C LEU A 73 11.85 12.95 -19.45
N ARG A 74 12.47 13.03 -18.28
CA ARG A 74 13.79 13.61 -18.19
C ARG A 74 14.69 12.98 -19.26
N GLU A 75 15.60 13.85 -19.70
CA GLU A 75 16.62 13.52 -20.68
C GLU A 75 17.45 12.48 -20.00
N ARG A 76 18.21 12.87 -18.96
CA ARG A 76 18.94 11.82 -18.28
C ARG A 76 18.00 11.18 -17.26
N SER A 77 17.38 10.06 -17.65
CA SER A 77 16.49 9.30 -16.77
C SER A 77 17.17 7.99 -16.41
N TYR A 78 17.36 7.76 -15.11
CA TYR A 78 17.97 6.52 -14.66
C TYR A 78 17.01 5.34 -14.79
N SER A 79 15.70 5.59 -14.71
CA SER A 79 14.74 4.55 -15.06
C SER A 79 14.92 4.13 -16.51
N ARG A 80 15.19 5.10 -17.40
CA ARG A 80 15.44 4.78 -18.80
C ARG A 80 16.69 3.91 -18.97
N PHE A 81 17.78 4.27 -18.28
CA PHE A 81 19.01 3.50 -18.40
C PHE A 81 18.82 2.08 -17.88
N ALA A 82 18.11 1.95 -16.76
CA ALA A 82 17.83 0.61 -16.23
C ALA A 82 16.94 -0.19 -17.17
N THR A 83 15.95 0.47 -17.79
CA THR A 83 15.11 -0.19 -18.78
C THR A 83 15.95 -0.74 -19.93
N LEU A 84 16.94 0.05 -20.39
CA LEU A 84 17.73 -0.39 -21.52
C LEU A 84 18.67 -1.53 -21.14
N GLU A 85 19.20 -1.50 -19.92
CA GLU A 85 20.00 -2.63 -19.45
C GLU A 85 19.14 -3.89 -19.36
N ALA A 86 17.91 -3.75 -18.85
CA ALA A 86 16.98 -4.88 -18.80
C ALA A 86 16.69 -5.40 -20.20
N GLU A 87 16.56 -4.52 -21.17
CA GLU A 87 16.32 -4.97 -22.54
C GLU A 87 17.52 -5.72 -23.10
N ARG A 88 18.73 -5.22 -22.86
CA ARG A 88 19.92 -5.96 -23.25
C ARG A 88 19.88 -7.38 -22.71
N LEU A 89 19.61 -7.50 -21.40
CA LEU A 89 19.58 -8.82 -20.78
C LEU A 89 18.48 -9.69 -21.37
N LEU A 90 17.31 -9.10 -21.65
CA LEU A 90 16.20 -9.87 -22.20
C LEU A 90 16.54 -10.40 -23.58
N ARG A 91 17.19 -9.60 -24.41
CA ARG A 91 17.57 -10.05 -25.74
C ARG A 91 18.67 -11.11 -25.67
N HIS A 92 19.57 -11.01 -24.69
CA HIS A 92 20.54 -12.08 -24.51
C HIS A 92 19.84 -13.38 -24.11
N PHE A 93 18.76 -13.30 -23.36
CA PHE A 93 17.98 -14.48 -22.98
C PHE A 93 17.04 -14.96 -24.08
N GLY A 94 17.02 -14.30 -25.24
CA GLY A 94 16.29 -14.78 -26.38
C GLY A 94 14.96 -14.11 -26.66
N CYS A 95 14.73 -12.91 -26.14
CA CYS A 95 13.44 -12.25 -26.30
C CYS A 95 13.48 -11.21 -27.40
N GLU A 96 12.34 -11.04 -28.07
CA GLU A 96 12.11 -9.91 -28.95
C GLU A 96 11.56 -8.77 -28.10
N THR A 97 12.22 -7.62 -28.11
CA THR A 97 11.92 -6.54 -27.18
C THR A 97 11.53 -5.28 -27.92
N ARG A 98 10.54 -4.58 -27.38
CA ARG A 98 10.19 -3.23 -27.79
C ARG A 98 10.18 -2.34 -26.55
N VAL A 99 10.58 -1.09 -26.74
CA VAL A 99 10.59 -0.10 -25.66
C VAL A 99 9.77 1.09 -26.10
N PHE A 100 8.76 1.44 -25.32
CA PHE A 100 7.89 2.57 -25.62
C PHE A 100 8.35 3.78 -24.82
N HIS A 101 8.39 4.93 -25.49
CA HIS A 101 8.71 6.21 -24.87
C HIS A 101 7.48 7.07 -24.85
N ALA A 102 7.16 7.62 -23.67
CA ALA A 102 5.94 8.39 -23.47
C ALA A 102 6.12 9.86 -23.83
N ASN A 103 7.18 10.19 -24.57
CA ASN A 103 7.42 11.57 -24.97
C ASN A 103 6.27 12.04 -25.84
N GLY A 104 5.62 13.12 -25.42
CA GLY A 104 4.50 13.66 -26.15
C GLY A 104 3.16 13.02 -25.86
N LEU A 105 3.12 12.05 -24.95
CA LEU A 105 1.87 11.43 -24.57
C LEU A 105 1.07 12.40 -23.71
N PRO A 106 -0.15 12.77 -24.09
CA PRO A 106 -0.96 13.65 -23.25
C PRO A 106 -1.52 12.91 -22.05
N LEU A 107 -1.91 13.69 -21.04
CA LEU A 107 -2.58 13.11 -19.88
C LEU A 107 -3.82 12.36 -20.34
N PRO A 108 -4.21 11.30 -19.62
CA PRO A 108 -5.39 10.52 -20.04
C PRO A 108 -6.59 11.42 -20.26
N GLU A 109 -7.16 11.33 -21.46
CA GLU A 109 -8.33 12.08 -21.90
C GLU A 109 -8.03 13.56 -22.12
N ASP A 110 -6.76 13.96 -22.10
CA ASP A 110 -6.39 15.29 -22.55
C ASP A 110 -6.32 15.38 -24.07
N ALA A 111 -6.49 14.25 -24.74
CA ALA A 111 -6.54 14.18 -26.19
C ALA A 111 -7.41 12.98 -26.56
N ASP A 112 -7.79 12.91 -27.83
CA ASP A 112 -8.59 11.79 -28.29
C ASP A 112 -7.72 10.54 -28.35
N PRO A 113 -8.30 9.35 -28.10
CA PRO A 113 -7.50 8.13 -28.23
C PRO A 113 -6.89 7.97 -29.62
N SER A 114 -7.35 8.78 -30.58
CA SER A 114 -6.72 8.84 -31.88
C SER A 114 -5.22 9.15 -31.83
N HIS A 115 -4.74 9.75 -30.75
CA HIS A 115 -3.37 10.24 -30.70
C HIS A 115 -2.37 9.17 -31.16
N PRO A 116 -1.37 9.52 -31.95
CA PRO A 116 -0.43 8.47 -32.38
C PRO A 116 0.22 7.71 -31.24
N LYS A 117 0.66 8.43 -30.20
CA LYS A 117 1.32 7.79 -29.07
C LYS A 117 0.40 6.79 -28.38
N VAL A 118 -0.87 7.16 -28.20
CA VAL A 118 -1.80 6.28 -27.50
C VAL A 118 -1.99 4.97 -28.26
N GLN A 119 -2.24 5.05 -29.56
CA GLN A 119 -2.46 3.81 -30.31
C GLN A 119 -1.16 3.00 -30.43
N GLU A 120 -0.03 3.69 -30.55
CA GLU A 120 1.24 2.99 -30.54
C GLU A 120 1.38 2.16 -29.28
N LEU A 121 1.10 2.77 -28.13
CA LEU A 121 1.19 2.05 -26.87
C LEU A 121 0.18 0.91 -26.80
N ARG A 122 -1.05 1.15 -27.23
CA ARG A 122 -2.07 0.11 -27.16
C ARG A 122 -1.69 -1.09 -28.02
N ASP A 123 -1.23 -0.85 -29.25
CA ASP A 123 -0.83 -1.92 -30.14
C ASP A 123 0.41 -2.63 -29.61
N LEU A 124 1.38 -1.89 -29.10
CA LEU A 124 2.55 -2.51 -28.49
C LEU A 124 2.15 -3.40 -27.32
N CYS A 125 1.19 -2.95 -26.51
CA CYS A 125 0.73 -3.74 -25.38
C CYS A 125 0.06 -5.03 -25.84
N LEU A 126 -0.79 -4.94 -26.87
CA LEU A 126 -1.39 -6.16 -27.41
C LEU A 126 -0.31 -7.10 -27.93
N TRP A 127 0.69 -6.57 -28.63
CA TRP A 127 1.79 -7.40 -29.13
C TRP A 127 2.49 -8.14 -28.00
N SER A 128 2.55 -7.55 -26.82
CA SER A 128 3.36 -8.09 -25.74
C SER A 128 2.82 -9.43 -25.23
N GLU A 129 3.74 -10.31 -24.87
CA GLU A 129 3.44 -11.48 -24.05
C GLU A 129 3.86 -11.29 -22.61
N GLY A 130 4.85 -10.43 -22.37
CA GLY A 130 5.20 -10.00 -21.03
C GLY A 130 5.63 -8.55 -21.08
N GLN A 131 5.80 -7.96 -19.89
CA GLN A 131 6.11 -6.53 -19.82
C GLN A 131 7.08 -6.24 -18.68
N VAL A 132 7.68 -5.06 -18.76
CA VAL A 132 8.53 -4.52 -17.71
C VAL A 132 8.10 -3.08 -17.45
N TRP A 133 7.65 -2.81 -16.24
CA TRP A 133 7.31 -1.46 -15.79
C TRP A 133 8.42 -1.00 -14.85
N THR A 134 9.18 0.01 -15.26
CA THR A 134 10.25 0.55 -14.44
C THR A 134 9.90 1.99 -14.12
N SER A 135 9.65 2.29 -12.85
CA SER A 135 9.24 3.63 -12.43
C SER A 135 10.15 4.13 -11.33
N PRO A 136 10.62 5.38 -11.40
CA PRO A 136 11.27 6.00 -10.24
C PRO A 136 10.24 6.24 -9.14
N GLU A 137 10.74 6.49 -7.94
CA GLU A 137 9.89 6.80 -6.79
C GLU A 137 9.82 8.32 -6.69
N ARG A 138 8.80 8.90 -7.30
CA ARG A 138 8.54 10.34 -7.24
C ARG A 138 7.48 10.60 -6.19
N HIS A 139 7.80 11.47 -5.22
CA HIS A 139 6.88 11.74 -4.11
C HIS A 139 6.49 10.44 -3.40
N GLY A 140 7.47 9.55 -3.25
CA GLY A 140 7.25 8.29 -2.55
C GLY A 140 6.26 7.38 -3.22
N ALA A 141 6.21 7.39 -4.55
CA ALA A 141 5.20 6.59 -5.22
C ALA A 141 5.49 6.52 -6.72
N MET A 142 4.71 5.66 -7.40
CA MET A 142 4.75 5.61 -8.85
C MET A 142 4.65 7.01 -9.44
N THR A 143 5.15 7.19 -10.65
CA THR A 143 5.10 8.49 -11.28
C THR A 143 3.78 8.68 -12.03
N GLY A 144 3.46 9.94 -12.29
CA GLY A 144 2.33 10.24 -13.15
C GLY A 144 2.53 9.77 -14.57
N VAL A 145 3.77 9.72 -15.04
CA VAL A 145 4.05 9.21 -16.38
C VAL A 145 3.66 7.73 -16.47
N MET A 146 4.19 6.91 -15.55
CA MET A 146 3.90 5.48 -15.51
C MET A 146 2.40 5.21 -15.45
N LYS A 147 1.73 5.80 -14.45
CA LYS A 147 0.32 5.54 -14.25
C LYS A 147 -0.53 6.10 -15.38
N SER A 148 -0.11 7.23 -15.96
CA SER A 148 -0.81 7.76 -17.12
C SER A 148 -0.71 6.80 -18.31
N GLN A 149 0.47 6.22 -18.49
CA GLN A 149 0.64 5.23 -19.56
C GLN A 149 -0.34 4.08 -19.36
N ILE A 150 -0.42 3.55 -18.15
CA ILE A 150 -1.32 2.42 -17.95
C ILE A 150 -2.78 2.86 -18.05
N ASP A 151 -3.09 4.10 -17.68
CA ASP A 151 -4.46 4.58 -17.74
C ASP A 151 -4.96 4.70 -19.17
N TRP A 152 -4.06 4.91 -20.11
CA TRP A 152 -4.42 4.98 -21.51
C TRP A 152 -4.75 3.60 -22.07
N ILE A 153 -4.46 2.54 -21.33
CA ILE A 153 -4.71 1.18 -21.76
C ILE A 153 -6.04 0.74 -21.12
N PRO A 154 -7.10 0.52 -21.90
CA PRO A 154 -8.33 -0.02 -21.30
C PRO A 154 -8.13 -1.48 -20.89
N LEU A 155 -8.78 -1.86 -19.79
CA LEU A 155 -8.75 -3.27 -19.39
C LEU A 155 -9.38 -4.14 -20.47
N SER A 156 -10.47 -3.65 -21.07
CA SER A 156 -11.18 -4.37 -22.13
C SER A 156 -11.55 -3.36 -23.20
N MET A 157 -11.01 -3.54 -24.41
CA MET A 157 -11.36 -2.69 -25.55
C MET A 157 -12.37 -3.52 -26.32
N GLY A 158 -13.62 -3.46 -25.86
CA GLY A 158 -14.67 -4.27 -26.42
C GLY A 158 -14.52 -5.75 -26.10
N ALA A 159 -14.07 -6.54 -27.08
CA ALA A 159 -13.92 -7.98 -26.89
C ALA A 159 -12.50 -8.40 -26.53
N ILE A 160 -11.50 -7.54 -26.73
CA ILE A 160 -10.11 -7.89 -26.50
C ILE A 160 -9.63 -7.19 -25.24
N ARG A 161 -8.86 -7.90 -24.42
CA ARG A 161 -8.25 -7.32 -23.23
C ARG A 161 -6.73 -7.29 -23.39
N PRO A 162 -6.11 -6.12 -23.59
CA PRO A 162 -4.69 -6.09 -23.97
C PRO A 162 -3.75 -6.53 -22.86
N THR A 163 -4.19 -6.54 -21.61
CA THR A 163 -3.31 -6.88 -20.49
C THR A 163 -3.47 -8.30 -19.99
N GLN A 164 -4.65 -8.89 -20.16
CA GLN A 164 -4.95 -10.17 -19.54
C GLN A 164 -3.94 -11.24 -19.94
N GLY A 165 -3.48 -12.02 -18.96
CA GLY A 165 -2.63 -13.15 -19.18
C GLY A 165 -1.16 -12.86 -19.34
N ARG A 166 -0.79 -11.63 -19.71
CA ARG A 166 0.60 -11.30 -19.93
C ARG A 166 1.35 -11.21 -18.60
N THR A 167 2.61 -11.62 -18.63
CA THR A 167 3.46 -11.55 -17.44
C THR A 167 3.90 -10.12 -17.18
N LEU A 168 4.41 -9.88 -15.99
CA LEU A 168 4.84 -8.55 -15.59
C LEU A 168 5.97 -8.66 -14.58
N ALA A 169 7.00 -7.85 -14.78
CA ALA A 169 8.09 -7.67 -13.82
C ALA A 169 8.14 -6.20 -13.45
N VAL A 170 8.15 -5.91 -12.16
CA VAL A 170 8.14 -4.53 -11.67
C VAL A 170 9.53 -4.20 -11.14
N MET A 171 10.00 -3.00 -11.47
CA MET A 171 11.30 -2.51 -11.01
C MET A 171 11.17 -1.03 -10.69
N GLN A 172 12.09 -0.53 -9.86
CA GLN A 172 12.05 0.85 -9.44
C GLN A 172 13.47 1.36 -9.23
N VAL A 173 13.68 2.63 -9.59
CA VAL A 173 14.92 3.34 -9.31
C VAL A 173 14.58 4.48 -8.36
N SER A 174 15.57 4.91 -7.59
CA SER A 174 15.36 5.99 -6.65
C SER A 174 16.64 6.77 -6.46
N GLY A 175 16.49 8.08 -6.24
CA GLY A 175 17.61 8.90 -5.87
C GLY A 175 18.06 8.75 -4.44
N GLY A 176 17.22 8.14 -3.61
CA GLY A 176 17.53 7.94 -2.21
C GLY A 176 17.63 6.49 -1.79
N SER A 177 17.05 6.18 -0.63
CA SER A 177 17.11 4.85 -0.08
C SER A 177 16.52 3.82 -1.04
N GLN A 178 16.73 2.55 -0.69
CA GLN A 178 16.13 1.42 -1.40
C GLN A 178 14.77 1.18 -0.76
N SER A 179 13.74 1.83 -1.30
CA SER A 179 12.38 1.64 -0.85
C SER A 179 11.59 0.85 -1.89
N PHE A 180 10.33 0.55 -1.56
CA PHE A 180 9.52 -0.31 -2.41
C PHE A 180 8.13 0.26 -2.67
N ASN A 181 7.92 1.56 -2.45
CA ASN A 181 6.61 2.14 -2.66
C ASN A 181 6.14 1.95 -4.10
N ALA A 182 7.01 2.30 -5.06
CA ALA A 182 6.61 2.23 -6.47
C ALA A 182 6.34 0.80 -6.90
N VAL A 183 7.25 -0.12 -6.56
CA VAL A 183 7.06 -1.50 -6.99
C VAL A 183 5.84 -2.11 -6.31
N ASN A 184 5.55 -1.71 -5.07
CA ASN A 184 4.36 -2.24 -4.38
C ASN A 184 3.09 -1.76 -5.07
N GLN A 185 2.99 -0.45 -5.35
CA GLN A 185 1.81 0.07 -6.03
C GLN A 185 1.61 -0.60 -7.39
N MET A 186 2.70 -0.83 -8.12
CA MET A 186 2.59 -1.44 -9.44
C MET A 186 2.36 -2.93 -9.36
N ARG A 187 2.84 -3.59 -8.31
CA ARG A 187 2.47 -4.98 -8.09
C ARG A 187 0.96 -5.12 -7.94
N VAL A 188 0.33 -4.24 -7.16
CA VAL A 188 -1.12 -4.27 -7.04
C VAL A 188 -1.77 -3.93 -8.39
N LEU A 189 -1.27 -2.90 -9.07
CA LEU A 189 -1.84 -2.51 -10.36
C LEU A 189 -1.82 -3.68 -11.33
N GLY A 190 -0.75 -4.48 -11.30
CA GLY A 190 -0.71 -5.67 -12.12
C GLY A 190 -1.92 -6.55 -11.89
N ARG A 191 -2.30 -6.74 -10.63
CA ARG A 191 -3.49 -7.53 -10.33
C ARG A 191 -4.72 -6.86 -10.90
N TRP A 192 -4.76 -5.52 -10.90
CA TRP A 192 -5.92 -4.86 -11.50
C TRP A 192 -5.87 -4.84 -13.02
N MET A 193 -4.70 -5.04 -13.61
CA MET A 193 -4.59 -5.28 -15.04
C MET A 193 -4.65 -6.75 -15.38
N ARG A 194 -4.94 -7.59 -14.39
CA ARG A 194 -4.99 -9.03 -14.59
C ARG A 194 -3.76 -9.52 -15.33
N MET A 195 -2.61 -9.05 -14.86
CA MET A 195 -1.31 -9.49 -15.34
C MET A 195 -0.67 -10.37 -14.26
N LEU A 196 0.16 -11.31 -14.69
CA LEU A 196 0.84 -12.20 -13.74
C LEU A 196 2.17 -11.56 -13.37
N THR A 197 2.20 -10.89 -12.23
CA THR A 197 3.42 -10.21 -11.78
C THR A 197 4.31 -11.24 -11.08
N ILE A 198 5.53 -11.43 -11.61
CA ILE A 198 6.45 -12.44 -11.10
C ILE A 198 6.90 -12.01 -9.71
N PRO A 199 7.30 -12.93 -8.83
CA PRO A 199 7.67 -12.53 -7.46
C PRO A 199 8.80 -11.52 -7.39
N ASN A 200 9.94 -11.80 -8.01
CA ASN A 200 11.11 -10.95 -7.80
C ASN A 200 10.96 -9.60 -8.49
N GLN A 201 11.64 -8.61 -7.96
CA GLN A 201 11.53 -7.23 -8.41
C GLN A 201 12.86 -6.54 -8.15
N SER A 202 13.02 -5.35 -8.73
CA SER A 202 14.27 -4.61 -8.61
C SER A 202 13.99 -3.23 -8.04
N SER A 203 14.80 -2.81 -7.08
CA SER A 203 14.73 -1.48 -6.46
C SER A 203 16.14 -0.93 -6.43
N VAL A 204 16.39 0.12 -7.21
CA VAL A 204 17.72 0.70 -7.35
C VAL A 204 17.82 1.91 -6.43
N ALA A 205 18.68 1.82 -5.42
CA ALA A 205 18.93 2.93 -4.53
C ALA A 205 20.01 3.83 -5.10
N ARG A 206 19.85 5.14 -4.88
CA ARG A 206 20.80 6.15 -5.32
C ARG A 206 21.30 5.85 -6.73
N ALA A 207 20.34 5.81 -7.66
CA ALA A 207 20.64 5.37 -9.02
C ALA A 207 21.73 6.22 -9.67
N TYR A 208 21.83 7.50 -9.28
CA TYR A 208 22.85 8.35 -9.87
C TYR A 208 24.25 7.80 -9.63
N GLN A 209 24.44 7.04 -8.55
CA GLN A 209 25.73 6.45 -8.26
C GLN A 209 26.01 5.18 -9.06
N GLU A 210 24.99 4.61 -9.72
CA GLU A 210 25.11 3.30 -10.33
C GLU A 210 25.21 3.34 -11.85
N PHE A 211 25.06 4.50 -12.47
CA PHE A 211 25.11 4.65 -13.92
C PHE A 211 26.21 5.63 -14.28
N ASP A 212 27.05 5.26 -15.25
CA ASP A 212 28.04 6.19 -15.75
C ASP A 212 27.33 7.26 -16.58
N GLU A 213 28.10 8.22 -17.12
CA GLU A 213 27.47 9.28 -17.90
C GLU A 213 26.88 8.76 -19.21
N ALA A 214 27.39 7.65 -19.73
CA ALA A 214 26.84 7.09 -20.96
C ALA A 214 25.53 6.35 -20.75
N GLY A 215 25.23 5.91 -19.52
CA GLY A 215 24.00 5.21 -19.23
C GLY A 215 24.15 3.75 -18.89
N ARG A 216 25.37 3.20 -18.93
CA ARG A 216 25.58 1.81 -18.55
C ARG A 216 25.72 1.71 -17.04
N MET A 217 25.23 0.60 -16.48
CA MET A 217 25.19 0.42 -15.04
C MET A 217 26.42 -0.31 -14.56
N ARG A 218 27.02 0.18 -13.47
CA ARG A 218 28.21 -0.44 -12.92
C ARG A 218 27.84 -1.75 -12.21
N PRO A 219 28.78 -2.69 -12.12
CA PRO A 219 28.47 -3.96 -11.44
C PRO A 219 28.08 -3.73 -9.99
N SER A 220 26.97 -4.36 -9.58
CA SER A 220 26.46 -4.20 -8.22
C SER A 220 25.44 -5.29 -7.97
N SER A 221 25.05 -5.42 -6.70
CA SER A 221 23.94 -6.31 -6.35
C SER A 221 22.66 -5.84 -7.05
N TYR A 222 22.52 -4.54 -7.29
CA TYR A 222 21.36 -4.03 -8.01
C TYR A 222 21.29 -4.61 -9.42
N TYR A 223 22.42 -4.56 -10.15
CA TYR A 223 22.43 -5.11 -11.51
C TYR A 223 22.17 -6.61 -11.50
N ASP A 224 22.78 -7.33 -10.56
CA ASP A 224 22.57 -8.77 -10.47
C ASP A 224 21.09 -9.08 -10.19
N ARG A 225 20.45 -8.26 -9.34
CA ARG A 225 19.02 -8.44 -9.10
C ARG A 225 18.22 -8.18 -10.38
N ILE A 226 18.60 -7.16 -11.14
CA ILE A 226 17.90 -6.92 -12.41
C ILE A 226 18.03 -8.14 -13.31
N VAL A 227 19.21 -8.76 -13.33
CA VAL A 227 19.42 -9.95 -14.14
C VAL A 227 18.54 -11.10 -13.65
N ASP A 228 18.50 -11.30 -12.33
CA ASP A 228 17.60 -12.29 -11.75
C ASP A 228 16.16 -12.05 -12.17
N VAL A 229 15.73 -10.79 -12.15
CA VAL A 229 14.34 -10.47 -12.45
C VAL A 229 14.01 -10.78 -13.90
N MET A 230 14.90 -10.38 -14.82
CA MET A 230 14.64 -10.65 -16.23
C MET A 230 14.68 -12.15 -16.53
N GLU A 231 15.62 -12.87 -15.91
CA GLU A 231 15.64 -14.33 -16.03
C GLU A 231 14.31 -14.94 -15.59
N GLU A 232 13.85 -14.57 -14.40
CA GLU A 232 12.59 -15.11 -13.89
C GLU A 232 11.42 -14.70 -14.78
N LEU A 233 11.45 -13.48 -15.31
CA LEU A 233 10.37 -13.03 -16.16
C LEU A 233 10.28 -13.88 -17.42
N VAL A 234 11.43 -14.17 -18.04
CA VAL A 234 11.41 -15.00 -19.23
C VAL A 234 10.95 -16.42 -18.89
N LYS A 235 11.44 -16.95 -17.77
CA LYS A 235 11.02 -18.28 -17.35
C LYS A 235 9.50 -18.36 -17.19
N PHE A 236 8.92 -17.39 -16.49
CA PHE A 236 7.48 -17.42 -16.25
C PHE A 236 6.69 -17.12 -17.52
N THR A 237 7.24 -16.31 -18.43
CA THR A 237 6.56 -16.02 -19.68
C THR A 237 6.47 -17.26 -20.56
N LEU A 238 7.57 -18.03 -20.64
CA LEU A 238 7.53 -19.25 -21.42
C LEU A 238 6.53 -20.25 -20.85
N ALA A 239 6.39 -20.27 -19.51
CA ALA A 239 5.50 -21.20 -18.84
C ALA A 239 4.03 -20.78 -18.91
N THR A 240 3.73 -19.59 -19.42
CA THR A 240 2.35 -19.10 -19.40
C THR A 240 1.81 -18.70 -20.76
N ARG A 241 2.66 -18.32 -21.72
CA ARG A 241 2.15 -17.73 -22.95
C ARG A 241 1.27 -18.72 -23.73
N ASP A 242 1.54 -20.01 -23.62
CA ASP A 242 0.77 -20.99 -24.36
C ASP A 242 -0.56 -21.30 -23.69
N LEU A 243 -0.62 -21.15 -22.36
CA LEU A 243 -1.84 -21.44 -21.61
C LEU A 243 -2.66 -20.18 -21.34
N SER A 244 -2.29 -19.04 -21.92
CA SER A 244 -2.95 -17.79 -21.59
C SER A 244 -4.45 -17.88 -21.86
N ALA A 245 -4.84 -18.45 -23.00
CA ALA A 245 -6.25 -18.62 -23.30
C ALA A 245 -6.92 -19.57 -22.30
N PHE A 246 -6.23 -20.65 -21.96
CA PHE A 246 -6.77 -21.63 -21.01
C PHE A 246 -6.88 -21.04 -19.61
N LEU A 247 -5.89 -20.25 -19.18
CA LEU A 247 -5.93 -19.68 -17.84
C LEU A 247 -7.06 -18.68 -17.68
N THR A 248 -7.44 -17.99 -18.75
CA THR A 248 -8.49 -16.99 -18.69
C THR A 248 -9.88 -17.53 -19.03
N ASP A 249 -10.04 -18.85 -19.09
CA ASP A 249 -11.35 -19.46 -19.28
C ASP A 249 -11.94 -19.70 -17.89
N ARG A 250 -12.80 -18.81 -17.45
CA ARG A 250 -13.24 -18.75 -16.06
C ARG A 250 -14.69 -19.21 -15.93
N TYR A 251 -14.97 -19.88 -14.80
CA TYR A 251 -16.31 -20.41 -14.57
C TYR A 251 -17.37 -19.33 -14.72
N SER A 252 -17.10 -18.13 -14.23
CA SER A 252 -18.05 -17.03 -14.35
C SER A 252 -18.46 -16.83 -15.81
N GLU A 253 -17.48 -16.76 -16.70
CA GLU A 253 -17.77 -16.46 -18.11
C GLU A 253 -18.64 -17.56 -18.73
N ARG A 254 -18.30 -18.83 -18.48
CA ARG A 254 -19.08 -19.93 -19.04
C ARG A 254 -20.48 -19.97 -18.44
N LYS A 255 -20.62 -19.64 -17.15
CA LYS A 255 -21.94 -19.68 -16.52
C LYS A 255 -22.91 -18.71 -17.16
N GLU A 256 -22.38 -17.64 -17.75
CA GLU A 256 -23.19 -16.66 -18.48
C GLU A 256 -23.68 -17.21 -19.84
N ALA A 257 -23.48 -18.50 -20.10
CA ALA A 257 -24.08 -19.14 -21.27
C ALA A 257 -25.59 -19.08 -21.07
N ALA A 258 -26.16 -17.94 -21.40
CA ALA A 258 -27.59 -17.67 -21.20
C ALA A 258 -28.28 -17.68 -22.56
N ALA A 259 -28.79 -18.85 -22.94
CA ALA A 259 -29.53 -19.00 -24.19
C ALA A 259 -31.03 -19.20 -23.92
N GLN B 19 40.29 -3.83 -16.40
CA GLN B 19 39.17 -4.34 -17.18
C GLN B 19 39.34 -5.84 -17.49
N GLN B 20 40.08 -6.54 -16.65
CA GLN B 20 40.07 -7.99 -16.68
C GLN B 20 38.63 -8.49 -16.69
N MET B 21 38.29 -9.31 -17.70
CA MET B 21 36.88 -9.51 -17.99
C MET B 21 36.52 -10.95 -18.31
N GLY B 22 37.26 -11.93 -17.83
CA GLY B 22 37.00 -13.30 -18.22
C GLY B 22 37.12 -13.44 -19.73
N ARG B 23 36.93 -14.64 -20.27
CA ARG B 23 37.22 -14.86 -21.68
C ARG B 23 36.03 -14.65 -22.59
N ASP B 24 34.81 -14.57 -22.05
CA ASP B 24 33.63 -14.37 -22.88
C ASP B 24 32.81 -13.20 -22.36
N LEU B 25 32.03 -12.60 -23.27
CA LEU B 25 31.11 -11.51 -22.99
C LEU B 25 30.62 -10.93 -24.33
N TYR B 26 29.61 -10.08 -24.30
CA TYR B 26 29.14 -9.42 -25.51
C TYR B 26 28.09 -8.36 -25.18
N ASP B 27 28.50 -7.10 -25.14
CA ASP B 27 27.67 -5.94 -24.82
C ASP B 27 27.23 -5.94 -23.36
N ASP B 28 27.57 -6.96 -22.59
CA ASP B 28 27.16 -7.08 -21.20
C ASP B 28 28.43 -7.23 -20.37
N ASP B 29 29.06 -6.10 -20.05
CA ASP B 29 30.34 -6.17 -19.36
C ASP B 29 30.17 -6.80 -17.99
N ASP B 30 29.04 -6.54 -17.34
CA ASP B 30 28.84 -6.91 -15.95
C ASP B 30 28.37 -8.33 -15.77
N LYS B 31 28.02 -9.04 -16.85
CA LYS B 31 27.52 -10.39 -16.71
C LYS B 31 28.69 -11.32 -16.47
N ASP B 32 28.56 -12.20 -15.49
CA ASP B 32 29.56 -13.25 -15.28
C ASP B 32 29.21 -14.37 -16.23
N HIS B 33 29.94 -14.45 -17.35
CA HIS B 33 29.63 -15.44 -18.37
C HIS B 33 29.40 -16.81 -17.74
N PRO B 34 30.25 -17.28 -16.83
CA PRO B 34 29.88 -18.45 -16.01
C PRO B 34 28.81 -18.04 -14.99
N PHE B 35 27.70 -18.77 -14.98
CA PHE B 35 26.56 -18.57 -14.09
C PHE B 35 25.30 -18.15 -14.86
N THR B 36 25.45 -17.81 -16.13
CA THR B 36 24.33 -17.45 -16.99
C THR B 36 23.72 -18.68 -17.66
N MET B 37 22.40 -18.73 -17.72
CA MET B 37 21.71 -19.89 -18.26
C MET B 37 20.45 -19.51 -19.01
N ILE B 38 20.20 -20.23 -20.10
CA ILE B 38 19.00 -20.06 -20.94
C ILE B 38 17.81 -20.72 -20.25
N PRO B 39 16.62 -20.13 -20.31
CA PRO B 39 15.45 -20.71 -19.63
C PRO B 39 14.79 -21.84 -20.41
N ASP B 40 14.69 -23.01 -19.76
CA ASP B 40 13.90 -24.14 -20.27
C ASP B 40 12.59 -23.64 -20.88
N PRO B 46 11.87 -32.50 -18.21
CA PRO B 46 11.19 -31.29 -17.75
C PRO B 46 9.80 -31.54 -17.18
N GLY B 47 9.11 -32.53 -17.75
CA GLY B 47 7.74 -32.85 -17.35
C GLY B 47 7.66 -33.73 -16.12
N ALA B 48 6.70 -33.41 -15.25
CA ALA B 48 6.45 -34.19 -14.05
C ALA B 48 4.95 -34.14 -13.75
N VAL B 49 4.52 -35.05 -12.89
CA VAL B 49 3.10 -35.17 -12.54
C VAL B 49 2.80 -34.31 -11.32
N ALA B 60 1.98 -36.61 -4.93
CA ALA B 60 1.83 -35.16 -5.09
C ALA B 60 1.12 -34.84 -6.41
N THR B 61 0.50 -35.85 -7.02
CA THR B 61 -0.20 -35.62 -8.28
C THR B 61 -1.42 -34.73 -8.07
N HIS B 62 -2.21 -35.00 -7.03
CA HIS B 62 -3.29 -34.08 -6.65
C HIS B 62 -2.70 -32.99 -5.76
N PRO B 63 -2.80 -31.72 -6.14
CA PRO B 63 -1.89 -30.69 -5.60
C PRO B 63 -2.20 -30.37 -4.15
N PRO B 64 -1.23 -30.55 -3.24
CA PRO B 64 -1.41 -30.06 -1.86
C PRO B 64 -1.65 -28.56 -1.84
N ARG B 65 -2.79 -28.16 -1.27
CA ARG B 65 -3.15 -26.76 -1.11
C ARG B 65 -3.55 -26.52 0.35
N ILE B 66 -2.75 -25.72 1.06
CA ILE B 66 -3.03 -25.39 2.45
C ILE B 66 -3.83 -24.09 2.49
N LEU B 67 -4.91 -24.09 3.26
CA LEU B 67 -5.75 -22.91 3.44
C LEU B 67 -5.59 -22.40 4.86
N LEU B 68 -5.24 -21.13 4.98
CA LEU B 68 -5.10 -20.45 6.27
C LEU B 68 -6.31 -19.56 6.46
N LEU B 69 -7.30 -20.08 7.19
CA LEU B 69 -8.49 -19.31 7.55
C LEU B 69 -8.16 -18.14 8.45
N TYR B 70 -6.88 -18.00 8.83
CA TYR B 70 -6.48 -17.02 9.81
C TYR B 70 -7.05 -15.66 9.47
N GLY B 71 -7.04 -14.76 10.46
CA GLY B 71 -7.68 -13.46 10.35
C GLY B 71 -8.79 -13.27 11.35
N SER B 72 -9.50 -14.34 11.67
CA SER B 72 -10.52 -14.30 12.72
C SER B 72 -10.54 -15.64 13.44
N LEU B 73 -10.38 -15.58 14.76
CA LEU B 73 -10.69 -16.70 15.64
C LEU B 73 -12.07 -16.57 16.25
N ARG B 74 -12.87 -15.62 15.77
CA ARG B 74 -14.27 -15.52 16.16
C ARG B 74 -14.93 -16.89 16.10
N GLU B 75 -15.96 -17.08 16.93
CA GLU B 75 -16.61 -18.37 16.97
C GLU B 75 -17.50 -18.58 15.74
N ARG B 76 -18.19 -17.53 15.30
CA ARG B 76 -18.79 -17.47 13.98
C ARG B 76 -17.92 -16.49 13.19
N SER B 77 -16.95 -17.02 12.45
CA SER B 77 -16.07 -16.22 11.62
C SER B 77 -16.42 -16.50 10.16
N TYR B 78 -16.78 -15.45 9.43
CA TYR B 78 -17.11 -15.62 8.02
C TYR B 78 -15.86 -15.93 7.20
N SER B 79 -14.69 -15.52 7.66
CA SER B 79 -13.45 -15.95 7.03
C SER B 79 -13.31 -17.47 7.07
N ARG B 80 -13.65 -18.09 8.19
CA ARG B 80 -13.57 -19.54 8.31
C ARG B 80 -14.52 -20.23 7.33
N PHE B 81 -15.76 -19.74 7.26
CA PHE B 81 -16.74 -20.36 6.37
C PHE B 81 -16.33 -20.20 4.91
N ALA B 82 -15.79 -19.03 4.55
CA ALA B 82 -15.30 -18.86 3.19
C ALA B 82 -14.14 -19.80 2.92
N THR B 83 -13.26 -19.98 3.90
CA THR B 83 -12.17 -20.95 3.75
C THR B 83 -12.71 -22.34 3.49
N LEU B 84 -13.76 -22.74 4.21
CA LEU B 84 -14.27 -24.11 4.09
C LEU B 84 -14.98 -24.33 2.76
N GLU B 85 -15.74 -23.33 2.29
CA GLU B 85 -16.35 -23.46 0.97
C GLU B 85 -15.29 -23.52 -0.13
N ALA B 86 -14.26 -22.67 -0.03
CA ALA B 86 -13.16 -22.73 -0.98
C ALA B 86 -12.47 -24.09 -0.94
N GLU B 87 -12.34 -24.67 0.26
CA GLU B 87 -11.73 -25.99 0.38
C GLU B 87 -12.59 -27.06 -0.28
N ARG B 88 -13.91 -26.98 -0.10
CA ARG B 88 -14.80 -27.88 -0.83
C ARG B 88 -14.52 -27.81 -2.32
N LEU B 89 -14.46 -26.59 -2.85
CA LEU B 89 -14.23 -26.42 -4.28
C LEU B 89 -12.86 -26.95 -4.70
N LEU B 90 -11.84 -26.72 -3.88
CA LEU B 90 -10.50 -27.19 -4.22
C LEU B 90 -10.46 -28.70 -4.25
N ARG B 91 -11.16 -29.35 -3.32
CA ARG B 91 -11.18 -30.82 -3.30
C ARG B 91 -11.95 -31.38 -4.48
N HIS B 92 -13.02 -30.69 -4.90
CA HIS B 92 -13.70 -31.15 -6.11
C HIS B 92 -12.83 -31.00 -7.35
N PHE B 93 -12.02 -29.94 -7.40
CA PHE B 93 -11.12 -29.73 -8.53
C PHE B 93 -9.88 -30.60 -8.45
N GLY B 94 -9.76 -31.44 -7.43
CA GLY B 94 -8.71 -32.43 -7.38
C GLY B 94 -7.55 -32.14 -6.46
N CYS B 95 -7.70 -31.25 -5.49
CA CYS B 95 -6.59 -30.87 -4.62
C CYS B 95 -6.71 -31.64 -3.31
N GLU B 96 -5.57 -31.99 -2.74
CA GLU B 96 -5.50 -32.46 -1.36
C GLU B 96 -5.37 -31.24 -0.47
N THR B 97 -6.27 -31.11 0.50
CA THR B 97 -6.38 -29.87 1.26
C THR B 97 -6.15 -30.10 2.74
N ARG B 98 -5.45 -29.15 3.36
CA ARG B 98 -5.33 -29.04 4.80
C ARG B 98 -5.71 -27.62 5.20
N VAL B 99 -6.36 -27.49 6.35
CA VAL B 99 -6.78 -26.19 6.87
C VAL B 99 -6.21 -26.04 8.27
N PHE B 100 -5.44 -24.98 8.49
CA PHE B 100 -4.84 -24.71 9.79
C PHE B 100 -5.69 -23.71 10.55
N HIS B 101 -5.93 -24.00 11.83
CA HIS B 101 -6.67 -23.12 12.72
C HIS B 101 -5.69 -22.53 13.73
N ALA B 102 -5.71 -21.21 13.90
CA ALA B 102 -4.72 -20.55 14.73
C ALA B 102 -5.09 -20.52 16.20
N ASN B 103 -6.07 -21.32 16.62
CA ASN B 103 -6.47 -21.36 18.03
C ASN B 103 -5.30 -21.83 18.89
N GLY B 104 -4.88 -20.99 19.83
CA GLY B 104 -3.78 -21.30 20.70
C GLY B 104 -2.40 -20.96 20.19
N LEU B 105 -2.29 -20.40 19.00
CA LEU B 105 -0.99 -19.96 18.50
C LEU B 105 -0.57 -18.70 19.22
N PRO B 106 0.56 -18.69 19.92
CA PRO B 106 1.00 -17.45 20.59
C PRO B 106 1.52 -16.44 19.58
N LEU B 107 1.57 -15.18 20.00
CA LEU B 107 2.15 -14.13 19.17
C LEU B 107 3.58 -14.51 18.81
N PRO B 108 4.06 -14.06 17.66
CA PRO B 108 5.44 -14.40 17.25
C PRO B 108 6.45 -14.05 18.34
N GLU B 109 7.25 -15.06 18.72
CA GLU B 109 8.31 -14.95 19.70
C GLU B 109 7.81 -14.80 21.13
N ASP B 110 6.51 -15.00 21.37
CA ASP B 110 6.01 -15.12 22.73
C ASP B 110 6.21 -16.51 23.30
N ALA B 111 6.70 -17.45 22.50
CA ALA B 111 6.97 -18.81 22.94
C ALA B 111 8.10 -19.39 22.09
N ASP B 112 8.61 -20.54 22.52
CA ASP B 112 9.67 -21.21 21.78
C ASP B 112 9.11 -21.76 20.47
N PRO B 113 9.89 -21.74 19.39
CA PRO B 113 9.37 -22.29 18.12
C PRO B 113 9.06 -23.77 18.19
N SER B 114 9.60 -24.49 19.18
CA SER B 114 9.18 -25.86 19.44
C SER B 114 7.69 -25.98 19.67
N HIS B 115 7.02 -24.88 19.99
CA HIS B 115 5.60 -24.90 20.34
C HIS B 115 4.84 -25.76 19.34
N PRO B 116 3.88 -26.58 19.80
CA PRO B 116 3.18 -27.46 18.84
C PRO B 116 2.49 -26.71 17.72
N LYS B 117 1.78 -25.61 18.02
CA LYS B 117 1.05 -24.89 16.98
C LYS B 117 2.00 -24.38 15.91
N VAL B 118 3.12 -23.78 16.33
CA VAL B 118 4.08 -23.25 15.37
C VAL B 118 4.59 -24.36 14.47
N GLN B 119 4.94 -25.50 15.05
CA GLN B 119 5.52 -26.59 14.27
C GLN B 119 4.51 -27.21 13.33
N GLU B 120 3.25 -27.32 13.76
CA GLU B 120 2.20 -27.77 12.84
C GLU B 120 2.13 -26.83 11.65
N LEU B 121 2.11 -25.52 11.91
CA LEU B 121 2.01 -24.57 10.81
C LEU B 121 3.20 -24.67 9.86
N ARG B 122 4.41 -24.77 10.43
CA ARG B 122 5.60 -24.86 9.59
C ARG B 122 5.60 -26.14 8.75
N ASP B 123 5.23 -27.27 9.36
CA ASP B 123 5.21 -28.53 8.62
C ASP B 123 4.18 -28.50 7.50
N LEU B 124 2.98 -27.97 7.79
CA LEU B 124 1.98 -27.82 6.75
C LEU B 124 2.49 -26.91 5.64
N CYS B 125 3.24 -25.86 6.01
CA CYS B 125 3.79 -24.96 5.00
C CYS B 125 4.75 -25.69 4.08
N LEU B 126 5.64 -26.51 4.65
CA LEU B 126 6.52 -27.32 3.82
C LEU B 126 5.72 -28.25 2.91
N TRP B 127 4.73 -28.94 3.48
CA TRP B 127 3.87 -29.82 2.70
C TRP B 127 3.18 -29.07 1.57
N SER B 128 2.93 -27.78 1.77
CA SER B 128 2.13 -27.03 0.81
C SER B 128 2.85 -26.92 -0.53
N GLU B 129 2.06 -27.04 -1.61
CA GLU B 129 2.47 -26.61 -2.93
C GLU B 129 1.79 -25.32 -3.36
N GLY B 130 0.60 -25.05 -2.81
CA GLY B 130 -0.05 -23.76 -2.98
C GLY B 130 -0.79 -23.41 -1.71
N GLN B 131 -1.26 -22.17 -1.63
CA GLN B 131 -1.89 -21.69 -0.41
C GLN B 131 -3.06 -20.78 -0.72
N VAL B 132 -3.91 -20.60 0.28
CA VAL B 132 -5.03 -19.65 0.23
C VAL B 132 -4.99 -18.85 1.53
N TRP B 133 -4.86 -17.54 1.40
CA TRP B 133 -4.92 -16.63 2.55
C TRP B 133 -6.26 -15.90 2.50
N THR B 134 -7.13 -16.17 3.47
CA THR B 134 -8.41 -15.48 3.59
C THR B 134 -8.43 -14.74 4.92
N SER B 135 -8.42 -13.41 4.85
CA SER B 135 -8.37 -12.58 6.05
C SER B 135 -9.51 -11.57 6.00
N PRO B 136 -10.25 -11.37 7.09
CA PRO B 136 -11.18 -10.24 7.14
C PRO B 136 -10.42 -8.92 7.14
N GLU B 137 -11.15 -7.85 6.83
CA GLU B 137 -10.57 -6.50 6.85
C GLU B 137 -10.94 -5.91 8.20
N ARG B 138 -10.06 -6.09 9.18
CA ARG B 138 -10.26 -5.52 10.51
C ARG B 138 -9.45 -4.23 10.60
N HIS B 139 -10.15 -3.13 10.91
CA HIS B 139 -9.51 -1.82 10.95
C HIS B 139 -8.83 -1.48 9.63
N GLY B 140 -9.49 -1.83 8.53
CA GLY B 140 -9.02 -1.47 7.21
C GLY B 140 -7.71 -2.11 6.78
N ALA B 141 -7.45 -3.33 7.21
CA ALA B 141 -6.19 -3.99 6.87
C ALA B 141 -6.32 -5.46 7.24
N MET B 142 -5.38 -6.26 6.76
CA MET B 142 -5.29 -7.63 7.23
C MET B 142 -5.13 -7.63 8.74
N THR B 143 -5.50 -8.74 9.36
CA THR B 143 -5.53 -8.83 10.81
C THR B 143 -4.17 -9.26 11.36
N GLY B 144 -3.97 -8.99 12.64
CA GLY B 144 -2.80 -9.48 13.33
C GLY B 144 -2.72 -10.98 13.40
N VAL B 145 -3.85 -11.68 13.36
CA VAL B 145 -3.83 -13.14 13.36
C VAL B 145 -3.12 -13.66 12.12
N MET B 146 -3.60 -13.23 10.94
CA MET B 146 -2.99 -13.65 9.68
C MET B 146 -1.50 -13.32 9.65
N LYS B 147 -1.15 -12.06 9.95
CA LYS B 147 0.24 -11.63 9.84
C LYS B 147 1.11 -12.32 10.89
N SER B 148 0.56 -12.61 12.08
CA SER B 148 1.30 -13.38 13.07
C SER B 148 1.59 -14.78 12.55
N GLN B 149 0.60 -15.39 11.90
CA GLN B 149 0.82 -16.70 11.30
C GLN B 149 1.97 -16.65 10.28
N ILE B 150 1.95 -15.63 9.41
CA ILE B 150 2.98 -15.55 8.39
C ILE B 150 4.33 -15.19 9.01
N ASP B 151 4.33 -14.42 10.10
CA ASP B 151 5.56 -14.04 10.78
C ASP B 151 6.21 -15.22 11.46
N TRP B 152 5.43 -16.24 11.81
CA TRP B 152 5.97 -17.46 12.39
C TRP B 152 6.69 -18.34 11.37
N ILE B 153 6.54 -18.06 10.08
CA ILE B 153 7.17 -18.84 9.03
C ILE B 153 8.44 -18.08 8.61
N PRO B 154 9.63 -18.59 8.89
CA PRO B 154 10.84 -17.94 8.38
C PRO B 154 10.94 -18.10 6.87
N LEU B 155 11.46 -17.06 6.21
CA LEU B 155 11.71 -17.17 4.78
C LEU B 155 12.73 -18.28 4.51
N SER B 156 13.73 -18.41 5.38
CA SER B 156 14.75 -19.44 5.26
C SER B 156 15.03 -20.00 6.65
N MET B 157 14.73 -21.28 6.84
CA MET B 157 15.06 -22.01 8.05
C MET B 157 16.29 -22.82 7.63
N GLY B 158 17.44 -22.16 7.69
CA GLY B 158 18.66 -22.77 7.20
C GLY B 158 18.76 -22.92 5.69
N ALA B 159 18.60 -24.13 5.17
CA ALA B 159 18.75 -24.36 3.73
C ALA B 159 17.46 -24.44 2.94
N ILE B 160 16.31 -24.58 3.60
CA ILE B 160 15.03 -24.79 2.92
C ILE B 160 14.23 -23.51 2.98
N ARG B 161 13.48 -23.22 1.92
CA ARG B 161 12.58 -22.08 1.87
C ARG B 161 11.13 -22.56 1.87
N PRO B 162 10.40 -22.42 2.97
CA PRO B 162 9.10 -23.11 3.09
C PRO B 162 8.01 -22.52 2.20
N THR B 163 8.14 -21.27 1.76
CA THR B 163 7.12 -20.64 0.93
C THR B 163 7.53 -20.53 -0.53
N GLN B 164 8.83 -20.49 -0.81
CA GLN B 164 9.32 -20.18 -2.15
C GLN B 164 8.71 -21.11 -3.19
N GLY B 165 8.27 -20.53 -4.30
CA GLY B 165 7.75 -21.28 -5.41
C GLY B 165 6.29 -21.68 -5.30
N ARG B 166 5.75 -21.74 -4.09
CA ARG B 166 4.37 -22.16 -3.90
C ARG B 166 3.42 -21.07 -4.38
N THR B 167 2.28 -21.50 -4.92
CA THR B 167 1.27 -20.58 -5.43
C THR B 167 0.51 -19.95 -4.26
N LEU B 168 -0.23 -18.89 -4.57
CA LEU B 168 -0.92 -18.13 -3.54
C LEU B 168 -2.21 -17.54 -4.12
N ALA B 169 -3.29 -17.69 -3.37
CA ALA B 169 -4.56 -17.03 -3.64
C ALA B 169 -4.98 -16.22 -2.43
N VAL B 170 -5.31 -14.95 -2.64
CA VAL B 170 -5.70 -14.05 -1.56
C VAL B 170 -7.18 -13.76 -1.68
N MET B 171 -7.88 -13.80 -0.53
CA MET B 171 -9.29 -13.48 -0.44
C MET B 171 -9.53 -12.75 0.87
N GLN B 172 -10.63 -12.01 0.95
CA GLN B 172 -10.93 -11.25 2.16
C GLN B 172 -12.43 -11.14 2.35
N VAL B 173 -12.85 -11.11 3.61
CA VAL B 173 -14.22 -10.86 3.99
C VAL B 173 -14.28 -9.50 4.66
N SER B 174 -15.45 -8.87 4.62
CA SER B 174 -15.60 -7.55 5.20
C SER B 174 -17.00 -7.38 5.75
N GLY B 175 -17.10 -6.64 6.86
CA GLY B 175 -18.41 -6.30 7.40
C GLY B 175 -19.12 -5.19 6.65
N GLY B 176 -18.40 -4.44 5.82
CA GLY B 176 -19.01 -3.36 5.07
C GLY B 176 -18.90 -3.55 3.57
N SER B 177 -18.63 -2.44 2.88
CA SER B 177 -18.51 -2.46 1.43
C SER B 177 -17.38 -3.39 0.98
N GLN B 178 -17.29 -3.57 -0.34
CA GLN B 178 -16.25 -4.38 -0.97
C GLN B 178 -14.99 -3.54 -1.19
N SER B 179 -14.08 -3.62 -0.23
CA SER B 179 -12.76 -3.00 -0.32
C SER B 179 -11.69 -4.07 -0.53
N PHE B 180 -10.45 -3.62 -0.71
CA PHE B 180 -9.35 -4.51 -1.06
C PHE B 180 -8.10 -4.27 -0.22
N ASN B 181 -8.21 -3.59 0.91
CA ASN B 181 -7.01 -3.31 1.72
C ASN B 181 -6.30 -4.59 2.12
N ALA B 182 -7.05 -5.55 2.65
CA ALA B 182 -6.44 -6.79 3.13
C ALA B 182 -5.80 -7.56 1.98
N VAL B 183 -6.54 -7.72 0.88
CA VAL B 183 -6.01 -8.50 -0.24
C VAL B 183 -4.78 -7.82 -0.85
N ASN B 184 -4.74 -6.49 -0.84
CA ASN B 184 -3.57 -5.78 -1.38
C ASN B 184 -2.35 -6.00 -0.48
N GLN B 185 -2.53 -5.81 0.83
CA GLN B 185 -1.43 -6.06 1.75
C GLN B 185 -0.93 -7.49 1.62
N MET B 186 -1.84 -8.44 1.38
CA MET B 186 -1.44 -9.83 1.27
C MET B 186 -0.81 -10.13 -0.09
N ARG B 187 -1.23 -9.43 -1.15
CA ARG B 187 -0.57 -9.54 -2.45
C ARG B 187 0.90 -9.10 -2.37
N VAL B 188 1.17 -8.01 -1.64
CA VAL B 188 2.57 -7.58 -1.45
C VAL B 188 3.33 -8.56 -0.55
N LEU B 189 2.70 -9.02 0.54
CA LEU B 189 3.33 -9.97 1.44
C LEU B 189 3.77 -11.24 0.70
N GLY B 190 2.94 -11.70 -0.24
CA GLY B 190 3.27 -12.87 -1.03
C GLY B 190 4.59 -12.72 -1.76
N ARG B 191 4.80 -11.55 -2.41
CA ARG B 191 6.08 -11.28 -3.05
C ARG B 191 7.21 -11.30 -2.06
N TRP B 192 6.95 -10.78 -0.86
CA TRP B 192 8.00 -10.84 0.14
C TRP B 192 8.16 -12.23 0.75
N MET B 193 7.18 -13.11 0.58
CA MET B 193 7.34 -14.53 0.91
C MET B 193 7.84 -15.32 -0.31
N ARG B 194 8.23 -14.64 -1.39
CA ARG B 194 8.68 -15.26 -2.63
C ARG B 194 7.66 -16.30 -3.12
N MET B 195 6.38 -15.94 -3.07
CA MET B 195 5.31 -16.78 -3.57
C MET B 195 4.72 -16.16 -4.84
N LEU B 196 4.18 -17.02 -5.71
CA LEU B 196 3.55 -16.57 -6.95
C LEU B 196 2.07 -16.32 -6.69
N THR B 197 1.72 -15.06 -6.52
CA THR B 197 0.33 -14.67 -6.23
C THR B 197 -0.45 -14.58 -7.53
N ILE B 198 -1.50 -15.38 -7.65
CA ILE B 198 -2.31 -15.44 -8.88
C ILE B 198 -3.03 -14.11 -9.05
N PRO B 199 -3.38 -13.71 -10.28
CA PRO B 199 -4.03 -12.40 -10.46
C PRO B 199 -5.35 -12.25 -9.72
N ASN B 200 -6.28 -13.19 -9.92
CA ASN B 200 -7.63 -13.03 -9.40
C ASN B 200 -7.65 -13.14 -7.88
N GLN B 201 -8.63 -12.47 -7.28
CA GLN B 201 -8.76 -12.40 -5.84
C GLN B 201 -10.24 -12.25 -5.51
N SER B 202 -10.58 -12.46 -4.24
CA SER B 202 -11.96 -12.40 -3.81
C SER B 202 -12.09 -11.43 -2.65
N SER B 203 -13.13 -10.59 -2.71
CA SER B 203 -13.47 -9.67 -1.64
C SER B 203 -14.97 -9.79 -1.41
N VAL B 204 -15.37 -10.34 -0.26
CA VAL B 204 -16.76 -10.60 0.06
C VAL B 204 -17.25 -9.44 0.91
N ALA B 205 -18.15 -8.64 0.37
CA ALA B 205 -18.72 -7.53 1.11
C ALA B 205 -19.89 -7.99 1.97
N ARG B 206 -20.01 -7.40 3.15
CA ARG B 206 -21.09 -7.72 4.09
C ARG B 206 -21.31 -9.23 4.17
N ALA B 207 -20.25 -9.92 4.62
CA ALA B 207 -20.25 -11.36 4.59
C ALA B 207 -21.43 -11.96 5.35
N TYR B 208 -21.94 -11.24 6.35
CA TYR B 208 -23.07 -11.76 7.13
C TYR B 208 -24.29 -12.00 6.27
N GLN B 209 -24.43 -11.26 5.17
CA GLN B 209 -25.57 -11.44 4.27
C GLN B 209 -25.43 -12.64 3.35
N GLU B 210 -24.26 -13.24 3.26
CA GLU B 210 -23.98 -14.27 2.26
C GLU B 210 -23.86 -15.67 2.83
N PHE B 211 -23.90 -15.83 4.16
CA PHE B 211 -23.71 -17.12 4.78
C PHE B 211 -24.89 -17.52 5.63
N ASP B 212 -25.30 -18.78 5.51
CA ASP B 212 -26.33 -19.35 6.34
C ASP B 212 -25.80 -19.54 7.76
N GLU B 213 -26.67 -20.06 8.65
CA GLU B 213 -26.25 -20.31 10.02
C GLU B 213 -25.33 -21.53 10.10
N ALA B 214 -25.47 -22.47 9.15
CA ALA B 214 -24.61 -23.65 9.11
C ALA B 214 -23.22 -23.34 8.59
N GLY B 215 -23.05 -22.23 7.86
CA GLY B 215 -21.74 -21.85 7.34
C GLY B 215 -21.59 -21.92 5.83
N ARG B 216 -22.60 -22.36 5.11
CA ARG B 216 -22.53 -22.41 3.66
C ARG B 216 -22.86 -21.04 3.08
N MET B 217 -22.29 -20.76 1.92
CA MET B 217 -22.42 -19.46 1.27
C MET B 217 -23.60 -19.47 0.31
N ARG B 218 -24.40 -18.42 0.37
CA ARG B 218 -25.55 -18.31 -0.51
C ARG B 218 -25.10 -18.02 -1.93
N PRO B 219 -25.88 -18.42 -2.93
CA PRO B 219 -25.50 -18.13 -4.33
C PRO B 219 -25.39 -16.63 -4.54
N SER B 220 -24.27 -16.21 -5.13
CA SER B 220 -24.03 -14.80 -5.41
C SER B 220 -22.86 -14.70 -6.38
N SER B 221 -22.68 -13.49 -6.94
CA SER B 221 -21.50 -13.24 -7.76
C SER B 221 -20.24 -13.42 -6.95
N TYR B 222 -20.31 -13.15 -5.64
CA TYR B 222 -19.15 -13.36 -4.78
C TYR B 222 -18.69 -14.82 -4.81
N TYR B 223 -19.64 -15.76 -4.69
CA TYR B 223 -19.28 -17.17 -4.74
C TYR B 223 -18.69 -17.54 -6.09
N ASP B 224 -19.25 -17.00 -7.17
CA ASP B 224 -18.71 -17.29 -8.50
C ASP B 224 -17.28 -16.82 -8.61
N ARG B 225 -16.98 -15.64 -8.06
CA ARG B 225 -15.61 -15.17 -8.05
C ARG B 225 -14.72 -16.08 -7.20
N ILE B 226 -15.25 -16.57 -6.08
CA ILE B 226 -14.45 -17.45 -5.23
C ILE B 226 -14.02 -18.70 -6.00
N VAL B 227 -14.95 -19.30 -6.72
CA VAL B 227 -14.64 -20.50 -7.48
C VAL B 227 -13.69 -20.16 -8.61
N ASP B 228 -13.93 -19.03 -9.29
CA ASP B 228 -12.99 -18.59 -10.31
C ASP B 228 -11.56 -18.52 -9.74
N VAL B 229 -11.43 -18.00 -8.54
CA VAL B 229 -10.12 -17.82 -7.93
C VAL B 229 -9.49 -19.18 -7.64
N MET B 230 -10.27 -20.10 -7.07
CA MET B 230 -9.71 -21.41 -6.76
C MET B 230 -9.34 -22.16 -8.04
N GLU B 231 -10.16 -22.02 -9.09
CA GLU B 231 -9.85 -22.58 -10.40
C GLU B 231 -8.51 -22.06 -10.91
N GLU B 232 -8.33 -20.73 -10.90
CA GLU B 232 -7.07 -20.16 -11.37
C GLU B 232 -5.91 -20.64 -10.52
N LEU B 233 -6.12 -20.76 -9.20
CA LEU B 233 -5.05 -21.21 -8.32
C LEU B 233 -4.61 -22.62 -8.67
N VAL B 234 -5.57 -23.53 -8.88
CA VAL B 234 -5.20 -24.90 -9.22
C VAL B 234 -4.54 -24.94 -10.60
N LYS B 235 -5.06 -24.17 -11.56
CA LYS B 235 -4.45 -24.11 -12.88
C LYS B 235 -2.97 -23.73 -12.77
N PHE B 236 -2.69 -22.65 -12.03
CA PHE B 236 -1.32 -22.17 -11.92
C PHE B 236 -0.46 -23.10 -11.07
N THR B 237 -1.07 -23.79 -10.09
CA THR B 237 -0.30 -24.74 -9.28
C THR B 237 0.16 -25.92 -10.12
N LEU B 238 -0.74 -26.47 -10.94
CA LEU B 238 -0.35 -27.57 -11.81
C LEU B 238 0.67 -27.12 -12.85
N ALA B 239 0.56 -25.88 -13.32
CA ALA B 239 1.46 -25.39 -14.36
C ALA B 239 2.82 -24.96 -13.84
N THR B 240 3.02 -24.91 -12.53
CA THR B 240 4.28 -24.43 -11.97
C THR B 240 4.93 -25.37 -10.97
N ARG B 241 4.17 -26.25 -10.30
CA ARG B 241 4.75 -26.99 -9.19
C ARG B 241 5.91 -27.87 -9.63
N ASP B 242 5.93 -28.30 -10.88
CA ASP B 242 7.01 -29.15 -11.35
C ASP B 242 8.25 -28.35 -11.73
N LEU B 243 8.08 -27.10 -12.15
CA LEU B 243 9.20 -26.27 -12.56
C LEU B 243 9.69 -25.33 -11.45
N SER B 244 9.14 -25.44 -10.24
CA SER B 244 9.48 -24.49 -9.19
C SER B 244 10.97 -24.51 -8.88
N ALA B 245 11.57 -25.70 -8.79
CA ALA B 245 12.99 -25.78 -8.53
C ALA B 245 13.79 -25.10 -9.62
N PHE B 246 13.38 -25.29 -10.88
CA PHE B 246 14.04 -24.59 -11.98
C PHE B 246 13.78 -23.10 -11.92
N LEU B 247 12.54 -22.72 -11.59
CA LEU B 247 12.19 -21.31 -11.52
C LEU B 247 12.96 -20.59 -10.41
N THR B 248 13.32 -21.30 -9.36
CA THR B 248 14.04 -20.71 -8.23
C THR B 248 15.55 -20.80 -8.39
N ASP B 249 16.03 -21.16 -9.58
CA ASP B 249 17.47 -21.21 -9.88
C ASP B 249 17.88 -19.88 -10.49
N ARG B 250 18.53 -19.04 -9.69
CA ARG B 250 18.77 -17.65 -10.04
C ARG B 250 20.24 -17.41 -10.39
N TYR B 251 20.47 -16.50 -11.33
CA TYR B 251 21.82 -16.12 -11.70
C TYR B 251 22.63 -15.71 -10.48
N SER B 252 22.01 -14.96 -9.57
CA SER B 252 22.68 -14.53 -8.34
C SER B 252 23.27 -15.70 -7.56
N GLU B 253 22.45 -16.71 -7.27
CA GLU B 253 22.91 -17.83 -6.46
C GLU B 253 24.03 -18.61 -7.15
N ARG B 254 23.88 -18.87 -8.45
CA ARG B 254 24.95 -19.59 -9.15
C ARG B 254 26.23 -18.78 -9.19
N LYS B 255 26.12 -17.46 -9.37
CA LYS B 255 27.31 -16.63 -9.43
C LYS B 255 28.02 -16.58 -8.08
N GLU B 256 27.28 -16.61 -6.97
CA GLU B 256 27.94 -16.67 -5.68
C GLU B 256 28.42 -18.08 -5.32
N ALA B 257 27.86 -19.11 -5.96
CA ALA B 257 28.37 -20.48 -5.82
C ALA B 257 29.73 -20.68 -6.50
N ALA B 258 30.33 -19.60 -7.00
CA ALA B 258 31.62 -19.65 -7.68
C ALA B 258 32.57 -19.00 -6.69
N ALA B 259 33.07 -19.81 -5.75
CA ALA B 259 34.02 -19.35 -4.75
C ALA B 259 35.31 -20.13 -4.95
N LYS B 260 36.41 -19.52 -4.53
CA LYS B 260 37.73 -20.13 -4.71
C LYS B 260 38.41 -20.35 -3.35
N MET C 21 28.97 29.78 29.37
CA MET C 21 29.05 28.44 28.82
C MET C 21 27.66 27.90 28.51
N GLY C 22 27.60 26.66 28.05
CA GLY C 22 26.32 26.04 27.78
C GLY C 22 26.39 24.84 26.86
N ARG C 23 26.20 23.65 27.45
CA ARG C 23 26.03 22.43 26.66
C ARG C 23 25.60 21.23 27.51
N ASP C 24 24.95 20.25 26.87
CA ASP C 24 24.90 18.89 27.40
C ASP C 24 23.64 18.61 28.19
N LEU C 25 23.19 17.37 28.07
CA LEU C 25 21.95 16.90 28.68
C LEU C 25 22.22 15.61 29.45
N TYR C 26 21.20 15.15 30.17
CA TYR C 26 21.40 14.12 31.19
C TYR C 26 21.54 12.72 30.62
N ASP C 27 20.45 12.18 30.08
CA ASP C 27 20.45 10.82 29.56
C ASP C 27 20.51 10.73 28.04
N ASP C 28 20.60 11.85 27.33
CA ASP C 28 20.54 11.83 25.87
C ASP C 28 21.82 12.43 25.28
N ASP C 29 22.84 11.58 25.11
CA ASP C 29 24.14 12.03 24.65
C ASP C 29 24.08 12.62 23.26
N ASP C 30 23.18 12.12 22.40
CA ASP C 30 23.29 12.44 20.98
C ASP C 30 22.66 13.77 20.59
N LYS C 31 22.07 14.50 21.50
CA LYS C 31 21.52 15.74 21.12
C LYS C 31 22.41 16.91 21.15
N ASP C 32 22.25 17.79 20.22
CA ASP C 32 23.03 19.02 20.29
C ASP C 32 22.27 20.00 21.18
N HIS C 33 22.76 20.22 22.40
CA HIS C 33 22.02 21.00 23.38
C HIS C 33 21.49 22.33 22.85
N PRO C 34 22.22 23.12 22.05
CA PRO C 34 21.64 24.39 21.57
C PRO C 34 20.51 24.21 20.57
N PHE C 35 20.50 23.13 19.80
CA PHE C 35 19.48 22.96 18.78
C PHE C 35 18.18 22.39 19.33
N THR C 36 18.11 22.14 20.63
CA THR C 36 16.91 21.57 21.23
C THR C 36 16.00 22.68 21.74
N MET C 37 14.69 22.50 21.51
CA MET C 37 13.68 23.45 21.90
C MET C 37 12.47 22.67 22.38
N ILE C 38 11.86 23.13 23.46
CA ILE C 38 10.67 22.46 23.99
C ILE C 38 9.51 22.88 23.09
N PRO C 39 8.60 21.97 22.74
CA PRO C 39 7.49 22.38 21.87
C PRO C 39 6.44 23.11 22.71
N ASP C 40 6.23 24.38 22.41
CA ASP C 40 5.18 25.17 23.05
C ASP C 40 4.58 26.17 22.07
N LEU C 44 1.90 32.86 21.92
CA LEU C 44 2.49 32.51 20.63
C LEU C 44 1.80 33.28 19.50
N SER C 45 1.44 32.59 18.43
CA SER C 45 1.03 33.26 17.20
C SER C 45 -0.42 33.73 17.25
N PRO C 46 -0.80 34.63 16.34
CA PRO C 46 -2.19 35.14 16.34
C PRO C 46 -3.10 34.44 15.33
N GLY C 47 -4.27 35.03 15.10
CA GLY C 47 -5.24 34.48 14.18
C GLY C 47 -4.98 34.88 12.75
N ALA C 48 -6.03 34.76 11.92
CA ALA C 48 -5.94 35.14 10.52
C ALA C 48 -7.27 35.68 9.99
N VAL C 49 -7.51 35.55 8.68
CA VAL C 49 -8.71 36.11 8.08
C VAL C 49 -9.93 35.72 8.90
N PRO C 63 -9.77 31.31 4.90
CA PRO C 63 -8.71 30.29 4.72
C PRO C 63 -8.70 29.72 3.30
N PRO C 64 -7.60 29.92 2.57
CA PRO C 64 -7.48 29.34 1.22
C PRO C 64 -7.55 27.82 1.19
N ARG C 65 -8.48 27.30 0.38
CA ARG C 65 -8.61 25.87 0.14
C ARG C 65 -8.58 25.63 -1.37
N ILE C 66 -7.51 25.00 -1.85
CA ILE C 66 -7.38 24.65 -3.26
C ILE C 66 -7.86 23.23 -3.47
N LEU C 67 -8.71 23.04 -4.47
CA LEU C 67 -9.27 21.73 -4.81
C LEU C 67 -8.75 21.29 -6.17
N LEU C 68 -8.17 20.10 -6.22
CA LEU C 68 -7.69 19.51 -7.46
C LEU C 68 -8.69 18.45 -7.88
N LEU C 69 -9.61 18.82 -8.77
CA LEU C 69 -10.57 17.87 -9.31
C LEU C 69 -9.91 16.77 -10.10
N TYR C 70 -8.59 16.84 -10.29
CA TYR C 70 -7.88 15.93 -11.18
C TYR C 70 -8.19 14.47 -10.92
N GLY C 71 -7.89 13.62 -11.90
CA GLY C 71 -8.27 12.22 -11.88
C GLY C 71 -9.05 11.84 -13.11
N SER C 72 -9.92 12.73 -13.58
CA SER C 72 -10.59 12.54 -14.85
C SER C 72 -10.88 13.90 -15.46
N LEU C 73 -10.40 14.12 -16.68
CA LEU C 73 -10.80 15.24 -17.51
C LEU C 73 -11.88 14.84 -18.51
N ARG C 74 -12.48 13.67 -18.30
CA ARG C 74 -13.67 13.23 -19.04
C ARG C 74 -14.65 14.39 -19.09
N GLU C 75 -15.48 14.46 -20.12
CA GLU C 75 -16.36 15.62 -20.27
C GLU C 75 -17.46 15.67 -19.22
N ARG C 76 -18.02 14.51 -18.86
CA ARG C 76 -18.82 14.36 -17.67
C ARG C 76 -17.97 13.60 -16.66
N SER C 77 -17.31 14.32 -15.75
CA SER C 77 -16.46 13.71 -14.74
C SER C 77 -17.14 13.80 -13.38
N TYR C 78 -17.40 12.64 -12.77
CA TYR C 78 -18.03 12.64 -11.46
C TYR C 78 -17.08 13.12 -10.37
N SER C 79 -15.77 12.93 -10.57
CA SER C 79 -14.79 13.54 -9.68
C SER C 79 -14.90 15.05 -9.71
N ARG C 80 -15.13 15.62 -10.90
CA ARG C 80 -15.30 17.07 -11.01
C ARG C 80 -16.54 17.52 -10.25
N PHE C 81 -17.65 16.81 -10.39
CA PHE C 81 -18.87 17.20 -9.71
C PHE C 81 -18.72 17.09 -8.19
N ALA C 82 -18.05 16.04 -7.72
CA ALA C 82 -17.81 15.90 -6.29
C ALA C 82 -16.91 17.01 -5.78
N THR C 83 -15.88 17.36 -6.56
CA THR C 83 -15.03 18.48 -6.20
C THR C 83 -15.84 19.77 -6.07
N LEU C 84 -16.78 19.98 -6.99
CA LEU C 84 -17.56 21.22 -6.97
C LEU C 84 -18.54 21.24 -5.80
N GLU C 85 -19.14 20.10 -5.46
CA GLU C 85 -19.99 20.04 -4.27
C GLU C 85 -19.18 20.29 -3.01
N ALA C 86 -17.99 19.71 -2.93
CA ALA C 86 -17.11 19.97 -1.80
C ALA C 86 -16.76 21.44 -1.72
N GLU C 87 -16.55 22.10 -2.86
CA GLU C 87 -16.27 23.53 -2.84
C GLU C 87 -17.47 24.32 -2.36
N ARG C 88 -18.67 23.95 -2.81
CA ARG C 88 -19.88 24.59 -2.30
C ARG C 88 -19.90 24.56 -0.77
N LEU C 89 -19.68 23.36 -0.21
CA LEU C 89 -19.70 23.22 1.24
C LEU C 89 -18.56 24.02 1.90
N LEU C 90 -17.37 24.00 1.29
CA LEU C 90 -16.23 24.71 1.87
C LEU C 90 -16.48 26.22 1.90
N ARG C 91 -17.08 26.76 0.84
CA ARG C 91 -17.40 28.18 0.81
C ARG C 91 -18.52 28.49 1.79
N HIS C 92 -19.46 27.56 1.98
CA HIS C 92 -20.49 27.73 2.99
C HIS C 92 -19.86 27.78 4.39
N PHE C 93 -18.79 27.01 4.62
CA PHE C 93 -18.08 27.06 5.90
C PHE C 93 -17.17 28.28 5.99
N GLY C 94 -17.17 29.14 4.98
CA GLY C 94 -16.49 30.41 5.05
C GLY C 94 -15.16 30.48 4.35
N CYS C 95 -14.90 29.58 3.41
CA CYS C 95 -13.59 29.48 2.78
C CYS C 95 -13.54 30.16 1.42
N GLU C 96 -12.37 30.72 1.13
CA GLU C 96 -12.02 31.13 -0.23
C GLU C 96 -11.40 29.94 -0.94
N THR C 97 -11.97 29.56 -2.08
CA THR C 97 -11.61 28.32 -2.76
C THR C 97 -11.13 28.62 -4.17
N ARG C 98 -10.12 27.88 -4.61
CA ARG C 98 -9.69 27.85 -5.99
C ARG C 98 -9.73 26.40 -6.47
N VAL C 99 -10.09 26.21 -7.73
CA VAL C 99 -10.18 24.87 -8.32
C VAL C 99 -9.31 24.85 -9.57
N PHE C 100 -8.36 23.93 -9.63
CA PHE C 100 -7.49 23.79 -10.78
C PHE C 100 -7.98 22.68 -11.69
N HIS C 101 -7.96 22.95 -12.99
CA HIS C 101 -8.30 21.98 -14.01
C HIS C 101 -7.05 21.60 -14.79
N ALA C 102 -6.82 20.30 -14.95
CA ALA C 102 -5.60 19.79 -15.56
C ALA C 102 -5.67 19.73 -17.08
N ASN C 103 -6.68 20.35 -17.68
CA ASN C 103 -6.79 20.35 -19.13
C ASN C 103 -5.59 21.05 -19.75
N GLY C 104 -4.87 20.34 -20.60
CA GLY C 104 -3.69 20.89 -21.23
C GLY C 104 -2.41 20.76 -20.43
N LEU C 105 -2.45 20.16 -19.25
CA LEU C 105 -1.24 19.93 -18.48
C LEU C 105 -0.41 18.83 -19.11
N PRO C 106 0.83 19.09 -19.51
CA PRO C 106 1.66 18.01 -20.06
C PRO C 106 2.13 17.08 -18.96
N LEU C 107 2.52 15.87 -19.37
CA LEU C 107 3.10 14.92 -18.44
C LEU C 107 4.34 15.54 -17.78
N PRO C 108 4.66 15.15 -16.54
CA PRO C 108 5.84 15.72 -15.89
C PRO C 108 7.08 15.60 -16.76
N GLU C 109 7.72 16.74 -17.03
CA GLU C 109 8.93 16.87 -17.84
C GLU C 109 8.68 16.67 -19.33
N ASP C 110 7.42 16.60 -19.76
CA ASP C 110 7.10 16.64 -21.18
C ASP C 110 7.09 18.06 -21.73
N ALA C 111 7.28 19.05 -20.88
CA ALA C 111 7.35 20.45 -21.27
C ALA C 111 8.21 21.19 -20.25
N ASP C 112 8.56 22.42 -20.58
CA ASP C 112 9.35 23.22 -19.66
C ASP C 112 8.47 23.62 -18.47
N PRO C 113 9.04 23.72 -17.27
CA PRO C 113 8.23 24.16 -16.12
C PRO C 113 7.67 25.55 -16.30
N SER C 114 8.20 26.33 -17.25
CA SER C 114 7.60 27.59 -17.66
C SER C 114 6.15 27.42 -18.10
N HIS C 115 5.73 26.20 -18.44
CA HIS C 115 4.42 25.96 -19.01
C HIS C 115 3.35 26.70 -18.21
N PRO C 116 2.36 27.30 -18.88
CA PRO C 116 1.33 28.05 -18.13
C PRO C 116 0.60 27.20 -17.10
N LYS C 117 0.17 25.99 -17.47
CA LYS C 117 -0.57 25.15 -16.54
C LYS C 117 0.29 24.81 -15.32
N VAL C 118 1.55 24.47 -15.54
CA VAL C 118 2.44 24.13 -14.43
C VAL C 118 2.57 25.31 -13.47
N GLN C 119 2.77 26.51 -14.02
CA GLN C 119 2.96 27.68 -13.17
C GLN C 119 1.67 28.04 -12.44
N GLU C 120 0.53 27.90 -13.10
CA GLU C 120 -0.75 28.10 -12.44
C GLU C 120 -0.90 27.16 -11.25
N LEU C 121 -0.62 25.88 -11.47
CA LEU C 121 -0.75 24.91 -10.38
C LEU C 121 0.21 25.23 -9.24
N ARG C 122 1.46 25.55 -9.57
CA ARG C 122 2.43 25.87 -8.53
C ARG C 122 2.00 27.09 -7.72
N ASP C 123 1.53 28.14 -8.41
CA ASP C 123 1.12 29.35 -7.72
C ASP C 123 -0.11 29.10 -6.85
N LEU C 124 -1.09 28.37 -7.36
CA LEU C 124 -2.25 28.03 -6.56
C LEU C 124 -1.85 27.20 -5.34
N CYS C 125 -0.90 26.28 -5.51
CA CYS C 125 -0.45 25.45 -4.41
C CYS C 125 0.19 26.31 -3.31
N LEU C 126 1.04 27.26 -3.71
CA LEU C 126 1.59 28.19 -2.73
C LEU C 126 0.47 28.97 -2.04
N TRP C 127 -0.52 29.43 -2.82
CA TRP C 127 -1.65 30.16 -2.24
C TRP C 127 -2.40 29.33 -1.19
N SER C 128 -2.45 28.02 -1.38
CA SER C 128 -3.29 27.17 -0.55
C SER C 128 -2.81 27.12 0.89
N GLU C 129 -3.77 27.07 1.82
CA GLU C 129 -3.53 26.67 3.19
C GLU C 129 -4.03 25.26 3.49
N GLY C 130 -5.00 24.77 2.71
CA GLY C 130 -5.40 23.39 2.75
C GLY C 130 -5.78 22.94 1.35
N GLN C 131 -5.96 21.64 1.18
CA GLN C 131 -6.22 21.13 -0.15
C GLN C 131 -7.23 19.99 -0.12
N VAL C 132 -7.79 19.72 -1.30
CA VAL C 132 -8.71 18.61 -1.53
C VAL C 132 -8.26 17.87 -2.79
N TRP C 133 -7.92 16.59 -2.64
CA TRP C 133 -7.58 15.73 -3.77
C TRP C 133 -8.74 14.76 -3.98
N THR C 134 -9.44 14.88 -5.10
CA THR C 134 -10.54 13.98 -5.45
C THR C 134 -10.18 13.24 -6.74
N SER C 135 -9.94 11.93 -6.63
CA SER C 135 -9.52 11.13 -7.77
C SER C 135 -10.39 9.88 -7.92
N PRO C 136 -10.80 9.56 -9.15
CA PRO C 136 -11.44 8.25 -9.37
C PRO C 136 -10.44 7.12 -9.18
N GLU C 137 -10.98 5.91 -9.07
CA GLU C 137 -10.17 4.70 -8.94
C GLU C 137 -10.06 4.08 -10.33
N ARG C 138 -8.98 4.41 -11.05
CA ARG C 138 -8.72 3.85 -12.37
C ARG C 138 -7.76 2.68 -12.21
N HIS C 139 -8.18 1.50 -12.68
CA HIS C 139 -7.39 0.28 -12.51
C HIS C 139 -7.06 0.05 -11.04
N GLY C 140 -8.05 0.30 -10.19
CA GLY C 140 -7.92 0.04 -8.77
C GLY C 140 -6.89 0.88 -8.05
N ALA C 141 -6.70 2.13 -8.46
CA ALA C 141 -5.68 2.98 -7.87
C ALA C 141 -5.92 4.41 -8.33
N MET C 142 -5.23 5.34 -7.67
CA MET C 142 -5.26 6.73 -8.08
C MET C 142 -4.88 6.89 -9.54
N THR C 143 -5.32 7.99 -10.14
CA THR C 143 -5.14 8.20 -11.57
C THR C 143 -3.80 8.85 -11.90
N GLY C 144 -3.39 8.67 -13.16
CA GLY C 144 -2.22 9.35 -13.68
C GLY C 144 -2.37 10.86 -13.75
N VAL C 145 -3.61 11.35 -13.90
CA VAL C 145 -3.83 12.79 -13.93
C VAL C 145 -3.47 13.40 -12.57
N MET C 146 -4.07 12.86 -11.49
CA MET C 146 -3.78 13.34 -10.15
C MET C 146 -2.29 13.23 -9.83
N LYS C 147 -1.71 12.06 -10.06
CA LYS C 147 -0.31 11.85 -9.71
C LYS C 147 0.60 12.73 -10.56
N SER C 148 0.24 12.97 -11.82
CA SER C 148 1.00 13.90 -12.64
C SER C 148 0.92 15.32 -12.08
N GLN C 149 -0.27 15.72 -11.62
CA GLN C 149 -0.42 17.03 -11.01
C GLN C 149 0.51 17.19 -9.82
N ILE C 150 0.54 16.18 -8.94
CA ILE C 150 1.41 16.29 -7.77
C ILE C 150 2.87 16.19 -8.16
N ASP C 151 3.17 15.43 -9.22
CA ASP C 151 4.57 15.29 -9.66
C ASP C 151 5.12 16.58 -10.21
N TRP C 152 4.26 17.46 -10.74
CA TRP C 152 4.69 18.76 -11.24
C TRP C 152 5.00 19.75 -10.13
N ILE C 153 4.64 19.46 -8.89
CA ILE C 153 4.87 20.35 -7.75
C ILE C 153 6.12 19.88 -7.04
N PRO C 154 7.21 20.66 -7.01
CA PRO C 154 8.39 20.26 -6.25
C PRO C 154 8.16 20.33 -4.75
N LEU C 155 8.79 19.39 -4.03
CA LEU C 155 8.81 19.47 -2.58
C LEU C 155 9.55 20.73 -2.13
N SER C 156 10.61 21.10 -2.84
CA SER C 156 11.41 22.27 -2.50
C SER C 156 11.69 23.08 -3.77
N MET C 157 11.17 24.30 -3.81
CA MET C 157 11.45 25.25 -4.88
C MET C 157 12.38 26.25 -4.21
N GLY C 158 13.69 25.93 -4.23
CA GLY C 158 14.68 26.74 -3.57
C GLY C 158 14.54 26.84 -2.07
N ALA C 159 14.04 27.99 -1.60
CA ALA C 159 13.82 28.24 -0.19
C ALA C 159 12.40 27.95 0.23
N ILE C 160 11.50 27.73 -0.74
CA ILE C 160 10.07 27.58 -0.47
C ILE C 160 9.71 26.10 -0.60
N ARG C 161 8.84 25.63 0.31
CA ARG C 161 8.27 24.29 0.26
C ARG C 161 6.78 24.44 -0.04
N PRO C 162 6.32 24.17 -1.27
CA PRO C 162 4.97 24.60 -1.66
C PRO C 162 3.84 23.84 -0.99
N THR C 163 4.06 22.61 -0.54
CA THR C 163 3.00 21.82 0.09
C THR C 163 3.13 21.75 1.61
N GLN C 164 4.34 21.91 2.14
CA GLN C 164 4.57 21.67 3.56
C GLN C 164 3.61 22.50 4.41
N GLY C 165 3.07 21.87 5.44
CA GLY C 165 2.22 22.54 6.40
C GLY C 165 0.76 22.64 6.01
N ARG C 166 0.43 22.56 4.72
CA ARG C 166 -0.95 22.68 4.30
C ARG C 166 -1.75 21.43 4.67
N THR C 167 -3.02 21.62 5.00
CA THR C 167 -3.88 20.50 5.33
C THR C 167 -4.32 19.80 4.05
N LEU C 168 -4.85 18.59 4.19
CA LEU C 168 -5.23 17.80 3.03
C LEU C 168 -6.39 16.88 3.37
N ALA C 169 -7.37 16.85 2.47
CA ALA C 169 -8.47 15.88 2.52
C ALA C 169 -8.47 15.11 1.21
N VAL C 170 -8.48 13.78 1.31
CA VAL C 170 -8.45 12.91 0.14
C VAL C 170 -9.82 12.28 -0.03
N MET C 171 -10.29 12.24 -1.28
CA MET C 171 -11.57 11.65 -1.62
C MET C 171 -11.42 10.91 -2.95
N GLN C 172 -12.34 9.99 -3.20
CA GLN C 172 -12.29 9.21 -4.43
C GLN C 172 -13.69 8.88 -4.90
N VAL C 173 -13.86 8.81 -6.21
CA VAL C 173 -15.09 8.34 -6.83
C VAL C 173 -14.79 7.02 -7.51
N SER C 174 -15.83 6.19 -7.67
CA SER C 174 -15.66 4.90 -8.31
C SER C 174 -16.94 4.49 -9.02
N GLY C 175 -16.77 3.81 -10.15
CA GLY C 175 -17.91 3.23 -10.83
C GLY C 175 -18.42 1.96 -10.21
N GLY C 176 -17.64 1.35 -9.33
CA GLY C 176 -18.04 0.12 -8.71
C GLY C 176 -18.20 0.23 -7.21
N SER C 177 -17.67 -0.78 -6.53
CA SER C 177 -17.78 -0.85 -5.07
C SER C 177 -17.14 0.38 -4.43
N GLN C 178 -17.38 0.53 -3.12
CA GLN C 178 -16.74 1.59 -2.33
C GLN C 178 -15.42 1.03 -1.83
N SER C 179 -14.37 1.24 -2.59
CA SER C 179 -13.03 0.80 -2.22
C SER C 179 -12.20 2.00 -1.80
N PHE C 180 -10.96 1.73 -1.37
CA PHE C 180 -10.11 2.77 -0.83
C PHE C 180 -8.70 2.76 -1.40
N ASN C 181 -8.48 2.08 -2.54
CA ASN C 181 -7.13 2.02 -3.10
C ASN C 181 -6.60 3.42 -3.39
N ALA C 182 -7.39 4.23 -4.08
CA ALA C 182 -6.93 5.56 -4.48
C ALA C 182 -6.70 6.44 -3.26
N VAL C 183 -7.65 6.46 -2.33
CA VAL C 183 -7.49 7.33 -1.17
C VAL C 183 -6.32 6.86 -0.30
N ASN C 184 -6.06 5.55 -0.23
CA ASN C 184 -4.93 5.06 0.56
C ASN C 184 -3.62 5.51 -0.06
N GLN C 185 -3.45 5.30 -1.36
CA GLN C 185 -2.25 5.79 -2.03
C GLN C 185 -2.11 7.29 -1.84
N MET C 186 -3.22 8.02 -1.84
CA MET C 186 -3.14 9.47 -1.72
C MET C 186 -2.83 9.92 -0.28
N ARG C 187 -3.28 9.17 0.72
CA ARG C 187 -2.87 9.43 2.09
C ARG C 187 -1.36 9.29 2.23
N VAL C 188 -0.79 8.23 1.64
CA VAL C 188 0.66 8.06 1.70
C VAL C 188 1.34 9.22 0.97
N LEU C 189 0.84 9.58 -0.21
CA LEU C 189 1.40 10.70 -0.95
C LEU C 189 1.36 11.97 -0.10
N GLY C 190 0.26 12.19 0.59
CA GLY C 190 0.19 13.31 1.53
C GLY C 190 1.33 13.26 2.51
N ARG C 191 1.64 12.07 3.02
CA ARG C 191 2.77 11.96 3.94
C ARG C 191 4.07 12.37 3.24
N TRP C 192 4.20 12.08 1.94
CA TRP C 192 5.41 12.48 1.23
C TRP C 192 5.43 13.94 0.77
N MET C 193 4.29 14.62 0.74
CA MET C 193 4.27 16.06 0.49
C MET C 193 4.35 16.88 1.77
N ARG C 194 4.64 16.23 2.90
CA ARG C 194 4.71 16.86 4.22
C ARG C 194 3.45 17.68 4.50
N MET C 195 2.29 17.12 4.17
CA MET C 195 1.00 17.75 4.47
C MET C 195 0.27 16.95 5.54
N LEU C 196 -0.58 17.64 6.31
CA LEU C 196 -1.36 17.01 7.36
C LEU C 196 -2.67 16.52 6.77
N THR C 197 -2.73 15.22 6.48
CA THR C 197 -3.92 14.60 5.89
C THR C 197 -4.91 14.29 7.00
N ILE C 198 -6.10 14.87 6.91
CA ILE C 198 -7.11 14.72 7.96
C ILE C 198 -7.56 13.26 7.98
N PRO C 199 -8.01 12.74 9.12
CA PRO C 199 -8.36 11.31 9.17
C PRO C 199 -9.50 10.93 8.23
N ASN C 200 -10.64 11.62 8.31
CA ASN C 200 -11.81 11.21 7.55
C ASN C 200 -11.61 11.46 6.06
N GLN C 201 -12.28 10.67 5.25
CA GLN C 201 -12.14 10.70 3.80
C GLN C 201 -13.47 10.27 3.20
N SER C 202 -13.63 10.49 1.91
CA SER C 202 -14.87 10.17 1.21
C SER C 202 -14.57 9.23 0.05
N SER C 203 -15.39 8.20 -0.08
CA SER C 203 -15.33 7.27 -1.21
C SER C 203 -16.75 7.06 -1.71
N VAL C 204 -17.04 7.49 -2.93
CA VAL C 204 -18.39 7.45 -3.49
C VAL C 204 -18.45 6.19 -4.36
N ALA C 205 -19.27 5.23 -3.94
CA ALA C 205 -19.48 4.02 -4.72
C ALA C 205 -20.53 4.28 -5.79
N ARG C 206 -20.35 3.68 -6.97
CA ARG C 206 -21.24 3.84 -8.10
C ARG C 206 -21.64 5.31 -8.28
N ALA C 207 -20.61 6.15 -8.47
CA ALA C 207 -20.81 7.59 -8.48
C ALA C 207 -21.84 8.01 -9.54
N TYR C 208 -21.97 7.24 -10.62
CA TYR C 208 -22.91 7.60 -11.67
C TYR C 208 -24.35 7.63 -11.14
N GLN C 209 -24.64 6.87 -10.09
CA GLN C 209 -25.99 6.87 -9.52
C GLN C 209 -26.26 8.06 -8.62
N GLU C 210 -25.25 8.86 -8.28
CA GLU C 210 -25.38 9.89 -7.26
C GLU C 210 -25.45 11.30 -7.82
N PHE C 211 -25.24 11.50 -9.11
CA PHE C 211 -25.26 12.84 -9.70
C PHE C 211 -26.30 12.92 -10.81
N ASP C 212 -27.10 13.98 -10.78
CA ASP C 212 -28.05 14.23 -11.86
C ASP C 212 -27.30 14.73 -13.08
N GLU C 213 -28.04 15.03 -14.15
CA GLU C 213 -27.40 15.46 -15.40
C GLU C 213 -26.79 16.84 -15.26
N ALA C 214 -27.28 17.66 -14.33
CA ALA C 214 -26.71 18.98 -14.12
C ALA C 214 -25.39 18.93 -13.36
N GLY C 215 -25.13 17.83 -12.64
CA GLY C 215 -23.91 17.68 -11.89
C GLY C 215 -24.07 17.75 -10.39
N ARG C 216 -25.28 17.99 -9.89
CA ARG C 216 -25.51 18.04 -8.46
C ARG C 216 -25.67 16.62 -7.91
N MET C 217 -25.24 16.44 -6.68
CA MET C 217 -25.21 15.12 -6.06
C MET C 217 -26.51 14.88 -5.32
N ARG C 218 -27.08 13.69 -5.51
CA ARG C 218 -28.34 13.35 -4.86
C ARG C 218 -28.12 13.06 -3.38
N PRO C 219 -29.16 13.25 -2.55
CA PRO C 219 -29.01 12.97 -1.12
C PRO C 219 -28.63 11.51 -0.88
N SER C 220 -27.58 11.32 -0.07
CA SER C 220 -27.10 9.98 0.27
C SER C 220 -26.14 10.11 1.44
N SER C 221 -25.77 8.96 2.01
CA SER C 221 -24.74 8.95 3.05
C SER C 221 -23.41 9.48 2.52
N TYR C 222 -23.15 9.29 1.22
CA TYR C 222 -21.92 9.80 0.62
C TYR C 222 -21.82 11.31 0.77
N TYR C 223 -22.90 12.03 0.47
CA TYR C 223 -22.88 13.48 0.62
C TYR C 223 -22.63 13.89 2.06
N ASP C 224 -23.26 13.18 3.01
CA ASP C 224 -23.05 13.50 4.41
C ASP C 224 -21.59 13.31 4.80
N ARG C 225 -20.96 12.25 4.31
CA ARG C 225 -19.54 12.03 4.59
C ARG C 225 -18.69 13.14 3.98
N ILE C 226 -19.02 13.57 2.77
CA ILE C 226 -18.27 14.67 2.16
C ILE C 226 -18.38 15.92 3.00
N VAL C 227 -19.57 16.19 3.54
CA VAL C 227 -19.74 17.36 4.39
C VAL C 227 -18.91 17.22 5.66
N ASP C 228 -18.92 16.02 6.26
CA ASP C 228 -18.07 15.75 7.40
C ASP C 228 -16.61 16.04 7.07
N VAL C 229 -16.17 15.64 5.88
CA VAL C 229 -14.77 15.78 5.51
C VAL C 229 -14.39 17.24 5.36
N MET C 230 -15.23 18.02 4.68
CA MET C 230 -14.93 19.43 4.50
C MET C 230 -14.96 20.17 5.84
N GLU C 231 -15.92 19.82 6.70
CA GLU C 231 -15.97 20.36 8.05
C GLU C 231 -14.67 20.11 8.80
N GLU C 232 -14.22 18.85 8.83
CA GLU C 232 -13.00 18.51 9.54
C GLU C 232 -11.79 19.21 8.92
N LEU C 233 -11.77 19.32 7.59
CA LEU C 233 -10.63 19.98 6.94
C LEU C 233 -10.56 21.44 7.36
N VAL C 234 -11.70 22.13 7.39
CA VAL C 234 -11.71 23.54 7.78
C VAL C 234 -11.29 23.66 9.24
N LYS C 235 -11.80 22.78 10.10
CA LYS C 235 -11.40 22.80 11.50
C LYS C 235 -9.88 22.70 11.64
N PHE C 236 -9.28 21.71 10.97
CA PHE C 236 -7.84 21.51 11.13
C PHE C 236 -7.04 22.62 10.47
N THR C 237 -7.55 23.19 9.38
CA THR C 237 -6.85 24.31 8.74
C THR C 237 -6.82 25.50 9.67
N LEU C 238 -7.94 25.80 10.32
CA LEU C 238 -7.97 26.88 11.28
C LEU C 238 -7.09 26.58 12.49
N ALA C 239 -7.05 25.31 12.91
CA ALA C 239 -6.29 24.96 14.09
C ALA C 239 -4.79 24.86 13.84
N THR C 240 -4.34 24.91 12.59
CA THR C 240 -2.92 24.78 12.29
C THR C 240 -2.33 25.90 11.44
N ARG C 241 -3.12 26.61 10.64
CA ARG C 241 -2.55 27.51 9.65
C ARG C 241 -1.71 28.60 10.29
N ASP C 242 -2.01 28.99 11.52
CA ASP C 242 -1.24 30.03 12.18
C ASP C 242 0.04 29.48 12.81
N LEU C 243 0.04 28.21 13.19
CA LEU C 243 1.19 27.58 13.80
C LEU C 243 2.02 26.77 12.81
N SER C 244 1.71 26.82 11.52
CA SER C 244 2.36 25.95 10.55
C SER C 244 3.86 26.13 10.56
N ALA C 245 4.33 27.38 10.58
CA ALA C 245 5.77 27.63 10.60
C ALA C 245 6.42 27.04 11.85
N PHE C 246 5.76 27.18 13.00
CA PHE C 246 6.33 26.61 14.23
C PHE C 246 6.37 25.09 14.18
N LEU C 247 5.33 24.47 13.61
CA LEU C 247 5.27 23.02 13.55
C LEU C 247 6.36 22.45 12.66
N THR C 248 6.77 23.18 11.63
CA THR C 248 7.81 22.72 10.71
C THR C 248 9.19 23.21 11.10
N ASP C 249 9.36 23.74 12.31
CA ASP C 249 10.66 24.14 12.83
C ASP C 249 11.24 22.91 13.53
N ARG C 250 12.16 22.22 12.85
CA ARG C 250 12.57 20.88 13.25
C ARG C 250 13.96 20.90 13.85
N TYR C 251 14.17 20.03 14.85
CA TYR C 251 15.47 19.97 15.52
C TYR C 251 16.61 19.69 14.53
N SER C 252 16.40 18.77 13.58
CA SER C 252 17.45 18.47 12.61
C SER C 252 17.91 19.74 11.90
N GLU C 253 16.95 20.52 11.40
CA GLU C 253 17.30 21.73 10.65
C GLU C 253 18.06 22.71 11.53
N ARG C 254 17.62 22.89 12.78
CA ARG C 254 18.35 23.77 13.69
C ARG C 254 19.74 23.24 13.97
N LYS C 255 19.87 21.92 14.07
CA LYS C 255 21.16 21.27 14.27
C LYS C 255 22.08 21.49 13.08
N GLU C 256 21.51 21.73 11.90
CA GLU C 256 22.26 22.05 10.69
C GLU C 256 22.97 23.41 10.78
N ALA C 257 22.99 24.01 11.97
CA ALA C 257 23.73 25.24 12.21
C ALA C 257 25.22 25.00 12.05
N ALA C 258 25.63 24.65 10.82
CA ALA C 258 27.03 24.40 10.48
C ALA C 258 27.51 25.60 9.68
N ALA C 259 28.27 26.48 10.33
CA ALA C 259 28.69 27.74 9.71
C ALA C 259 29.82 28.37 10.51
N ASP D 24 -33.78 23.93 2.12
CA ASP D 24 -33.06 25.15 1.80
C ASP D 24 -31.89 25.37 2.74
N LEU D 25 -30.68 25.43 2.18
CA LEU D 25 -29.48 25.62 2.97
C LEU D 25 -28.40 26.35 2.18
N TYR D 26 -28.71 27.57 1.75
CA TYR D 26 -27.78 28.39 0.98
C TYR D 26 -27.17 27.64 -0.21
N ASP D 27 -28.02 27.26 -1.16
CA ASP D 27 -27.58 26.53 -2.35
C ASP D 27 -26.95 25.18 -1.98
N ASP D 28 -27.59 24.49 -1.05
CA ASP D 28 -27.11 23.18 -0.60
C ASP D 28 -28.34 22.35 -0.26
N ASP D 29 -28.93 21.71 -1.26
CA ASP D 29 -30.28 21.15 -1.10
C ASP D 29 -30.35 20.08 -0.03
N ASP D 30 -29.34 19.23 0.08
CA ASP D 30 -29.46 18.02 0.89
C ASP D 30 -29.09 18.24 2.36
N LYS D 31 -28.62 19.43 2.73
CA LYS D 31 -28.19 19.67 4.10
C LYS D 31 -29.37 19.93 5.03
N ASP D 32 -29.31 19.33 6.22
CA ASP D 32 -30.28 19.57 7.29
C ASP D 32 -29.85 20.83 8.03
N HIS D 33 -30.54 21.94 7.77
CA HIS D 33 -30.12 23.23 8.30
C HIS D 33 -29.79 23.23 9.79
N PRO D 34 -30.55 22.59 10.67
CA PRO D 34 -30.18 22.62 12.09
C PRO D 34 -28.92 21.83 12.43
N PHE D 35 -28.59 20.79 11.66
CA PHE D 35 -27.43 19.97 11.99
C PHE D 35 -26.13 20.54 11.46
N THR D 36 -26.15 21.70 10.82
CA THR D 36 -24.94 22.31 10.27
C THR D 36 -24.36 23.32 11.25
N MET D 37 -23.03 23.31 11.37
CA MET D 37 -22.32 24.20 12.29
C MET D 37 -21.04 24.67 11.64
N ILE D 38 -20.74 25.95 11.82
CA ILE D 38 -19.52 26.55 11.29
C ILE D 38 -18.36 26.17 12.21
N PRO D 39 -17.18 25.83 11.68
CA PRO D 39 -16.08 25.46 12.56
C PRO D 39 -15.34 26.68 13.07
N ASP D 40 -15.26 26.86 14.36
CA ASP D 40 -14.57 27.95 14.91
C ASP D 40 -14.14 27.66 16.33
N SER D 45 -13.37 28.19 19.45
CA SER D 45 -13.56 27.71 20.79
C SER D 45 -12.36 28.07 21.67
N PRO D 46 -12.46 28.10 23.01
CA PRO D 46 -11.38 28.27 23.99
C PRO D 46 -10.97 26.96 24.65
N GLY D 47 -10.12 27.04 25.67
CA GLY D 47 -9.68 25.85 26.37
C GLY D 47 -8.19 25.58 26.33
N ALA D 48 -7.63 25.22 27.48
CA ALA D 48 -6.23 24.84 27.61
C ALA D 48 -6.14 23.79 28.70
N VAL D 49 -5.01 23.08 28.73
CA VAL D 49 -4.81 21.97 29.68
C VAL D 49 -3.37 21.99 30.15
N HIS D 50 -3.12 21.23 31.21
CA HIS D 50 -1.79 21.07 31.78
C HIS D 50 -1.44 19.59 31.83
N GLN D 51 -0.17 19.27 31.60
CA GLN D 51 0.20 17.90 31.33
C GLN D 51 1.71 17.73 31.31
N PRO D 63 1.70 15.93 28.37
CA PRO D 63 0.81 15.16 27.48
C PRO D 63 0.99 13.65 27.60
N PRO D 64 -0.06 12.93 27.98
CA PRO D 64 0.02 11.46 27.96
C PRO D 64 0.32 10.95 26.56
N ARG D 65 1.44 10.23 26.44
CA ARG D 65 1.86 9.61 25.18
C ARG D 65 2.18 8.14 25.45
N ILE D 66 1.39 7.24 24.90
CA ILE D 66 1.64 5.82 25.02
C ILE D 66 2.45 5.37 23.81
N LEU D 67 3.50 4.60 24.06
CA LEU D 67 4.35 4.08 23.00
C LEU D 67 4.14 2.58 22.91
N LEU D 68 3.77 2.10 21.72
CA LEU D 68 3.58 0.68 21.49
C LEU D 68 4.83 0.20 20.76
N LEU D 69 5.79 -0.31 21.53
CA LEU D 69 7.00 -0.91 20.98
C LEU D 69 6.62 -2.13 20.16
N TYR D 70 5.31 -2.44 20.11
CA TYR D 70 4.84 -3.69 19.54
C TYR D 70 5.49 -3.97 18.20
N GLY D 71 5.49 -5.23 17.79
CA GLY D 71 6.19 -5.67 16.59
C GLY D 71 7.22 -6.73 16.89
N SER D 72 7.83 -6.67 18.08
CA SER D 72 8.79 -7.68 18.48
C SER D 72 8.67 -7.94 19.97
N LEU D 73 8.48 -9.21 20.32
CA LEU D 73 8.69 -9.70 21.67
C LEU D 73 10.06 -10.34 21.78
N ARG D 74 10.85 -10.19 20.72
CA ARG D 74 12.25 -10.58 20.77
C ARG D 74 12.93 -10.03 22.00
N GLU D 75 14.01 -10.75 22.29
CA GLU D 75 14.74 -10.67 23.54
C GLU D 75 15.73 -9.49 23.45
N ARG D 76 16.40 -9.31 22.29
CA ARG D 76 16.98 -8.06 21.80
C ARG D 76 16.11 -7.62 20.62
N SER D 77 15.17 -6.71 20.87
CA SER D 77 14.31 -6.14 19.84
C SER D 77 14.70 -4.68 19.64
N TYR D 78 15.07 -4.34 18.41
CA TYR D 78 15.47 -2.97 18.11
C TYR D 78 14.27 -2.02 18.07
N SER D 79 13.09 -2.53 17.76
CA SER D 79 11.90 -1.71 17.91
C SER D 79 11.72 -1.29 19.37
N ARG D 80 12.02 -2.19 20.31
CA ARG D 80 11.94 -1.86 21.73
C ARG D 80 12.94 -0.76 22.09
N PHE D 81 14.18 -0.90 21.63
CA PHE D 81 15.20 0.10 21.95
C PHE D 81 14.86 1.46 21.34
N ALA D 82 14.35 1.46 20.10
CA ALA D 82 13.92 2.70 19.48
C ALA D 82 12.74 3.32 20.23
N THR D 83 11.81 2.48 20.68
CA THR D 83 10.70 2.97 21.48
C THR D 83 11.20 3.65 22.75
N LEU D 84 12.21 3.07 23.40
CA LEU D 84 12.71 3.64 24.65
C LEU D 84 13.48 4.92 24.41
N GLU D 85 14.22 5.00 23.30
CA GLU D 85 14.87 6.26 22.94
C GLU D 85 13.82 7.34 22.67
N ALA D 86 12.75 6.97 21.96
CA ALA D 86 11.65 7.90 21.74
C ALA D 86 11.02 8.33 23.05
N GLU D 87 10.92 7.41 24.02
CA GLU D 87 10.36 7.75 25.32
C GLU D 87 11.26 8.73 26.07
N ARG D 88 12.57 8.50 26.04
CA ARG D 88 13.50 9.48 26.61
C ARG D 88 13.26 10.85 26.00
N LEU D 89 13.16 10.91 24.67
CA LEU D 89 12.98 12.19 24.00
C LEU D 89 11.65 12.83 24.39
N LEU D 90 10.57 12.04 24.48
CA LEU D 90 9.27 12.58 24.83
C LEU D 90 9.27 13.11 26.26
N ARG D 91 9.94 12.41 27.18
CA ARG D 91 10.00 12.85 28.56
C ARG D 91 10.80 14.14 28.67
N HIS D 92 11.85 14.28 27.86
CA HIS D 92 12.56 15.56 27.84
C HIS D 92 11.67 16.67 27.28
N PHE D 93 10.81 16.35 26.32
CA PHE D 93 9.92 17.34 25.73
C PHE D 93 8.70 17.63 26.59
N GLY D 94 8.58 16.99 27.75
CA GLY D 94 7.53 17.32 28.69
C GLY D 94 6.34 16.38 28.73
N CYS D 95 6.48 15.17 28.22
CA CYS D 95 5.37 14.23 28.15
C CYS D 95 5.43 13.23 29.29
N GLU D 96 4.25 12.82 29.76
CA GLU D 96 4.12 11.65 30.61
C GLU D 96 3.93 10.45 29.71
N THR D 97 4.78 9.44 29.85
CA THR D 97 4.84 8.34 28.91
C THR D 97 4.58 7.01 29.60
N ARG D 98 3.83 6.15 28.93
CA ARG D 98 3.66 4.76 29.30
C ARG D 98 4.03 3.89 28.11
N VAL D 99 4.64 2.74 28.38
CA VAL D 99 5.06 1.81 27.35
C VAL D 99 4.42 0.46 27.65
N PHE D 100 3.68 -0.08 26.68
CA PHE D 100 3.02 -1.37 26.82
C PHE D 100 3.91 -2.44 26.19
N HIS D 101 4.08 -3.54 26.92
CA HIS D 101 4.78 -4.73 26.44
C HIS D 101 3.77 -5.83 26.28
N ALA D 102 3.72 -6.43 25.10
CA ALA D 102 2.69 -7.41 24.76
C ALA D 102 3.03 -8.83 25.15
N ASN D 103 4.03 -9.02 26.01
CA ASN D 103 4.40 -10.37 26.42
C ASN D 103 3.20 -11.04 27.09
N GLY D 104 2.78 -12.16 26.52
CA GLY D 104 1.62 -12.88 27.02
C GLY D 104 0.29 -12.42 26.48
N LEU D 105 0.27 -11.44 25.59
CA LEU D 105 -0.98 -11.01 24.97
C LEU D 105 -1.45 -12.09 24.01
N PRO D 106 -2.64 -12.65 24.16
CA PRO D 106 -3.10 -13.66 23.21
C PRO D 106 -3.45 -13.04 21.87
N LEU D 107 -3.50 -13.89 20.85
CA LEU D 107 -3.94 -13.44 19.53
C LEU D 107 -5.34 -12.85 19.65
N PRO D 108 -5.68 -11.87 18.81
CA PRO D 108 -7.01 -11.28 18.89
C PRO D 108 -8.11 -12.33 18.84
N GLU D 109 -8.98 -12.31 19.86
CA GLU D 109 -10.12 -13.21 19.99
C GLU D 109 -9.74 -14.64 20.33
N ASP D 110 -8.48 -14.89 20.68
CA ASP D 110 -8.09 -16.18 21.24
C ASP D 110 -8.40 -16.31 22.72
N ALA D 111 -8.85 -15.22 23.36
CA ALA D 111 -9.25 -15.24 24.76
C ALA D 111 -10.31 -14.17 24.95
N ASP D 112 -11.00 -14.23 26.09
CA ASP D 112 -12.01 -13.25 26.41
C ASP D 112 -11.35 -11.91 26.74
N PRO D 113 -12.00 -10.79 26.38
CA PRO D 113 -11.37 -9.47 26.63
C PRO D 113 -11.08 -9.19 28.10
N SER D 114 -11.65 -9.96 29.03
CA SER D 114 -11.27 -9.86 30.42
C SER D 114 -9.76 -10.01 30.62
N HIS D 115 -9.05 -10.58 29.66
CA HIS D 115 -7.65 -10.91 29.81
C HIS D 115 -6.89 -9.71 30.38
N PRO D 116 -5.93 -9.94 31.31
CA PRO D 116 -5.21 -8.80 31.88
C PRO D 116 -4.46 -7.95 30.86
N LYS D 117 -3.72 -8.56 29.93
CA LYS D 117 -2.97 -7.78 28.96
C LYS D 117 -3.90 -6.94 28.09
N VAL D 118 -5.02 -7.53 27.66
CA VAL D 118 -5.97 -6.80 26.84
C VAL D 118 -6.49 -5.56 27.58
N GLN D 119 -6.87 -5.75 28.84
CA GLN D 119 -7.44 -4.64 29.60
C GLN D 119 -6.39 -3.58 29.89
N GLU D 120 -5.15 -4.01 30.15
CA GLU D 120 -4.06 -3.05 30.33
C GLU D 120 -3.91 -2.19 29.07
N LEU D 121 -3.88 -2.83 27.90
CA LEU D 121 -3.72 -2.07 26.66
C LEU D 121 -4.88 -1.12 26.43
N ARG D 122 -6.12 -1.59 26.66
CA ARG D 122 -7.28 -0.75 26.43
C ARG D 122 -7.27 0.46 27.37
N ASP D 123 -6.97 0.24 28.65
CA ASP D 123 -6.94 1.34 29.60
C ASP D 123 -5.81 2.32 29.26
N LEU D 124 -4.63 1.81 28.91
CA LEU D 124 -3.52 2.68 28.54
C LEU D 124 -3.88 3.55 27.35
N CYS D 125 -4.59 2.97 26.36
CA CYS D 125 -5.03 3.76 25.22
C CYS D 125 -5.99 4.82 25.64
N LEU D 126 -6.88 4.48 26.58
CA LEU D 126 -7.85 5.45 27.08
C LEU D 126 -7.08 6.64 27.63
N TRP D 127 -6.06 6.33 28.43
CA TRP D 127 -5.20 7.36 29.01
C TRP D 127 -4.50 8.19 27.95
N SER D 128 -4.18 7.60 26.81
CA SER D 128 -3.34 8.27 25.82
C SER D 128 -4.07 9.45 25.20
N GLU D 129 -3.32 10.53 24.96
CA GLU D 129 -3.72 11.61 24.08
C GLU D 129 -3.00 11.54 22.74
N GLY D 130 -1.81 10.91 22.71
CA GLY D 130 -1.15 10.58 21.48
C GLY D 130 -0.43 9.26 21.64
N GLN D 131 0.04 8.72 20.52
CA GLN D 131 0.66 7.40 20.55
C GLN D 131 1.85 7.33 19.60
N VAL D 132 2.67 6.33 19.82
CA VAL D 132 3.82 6.02 18.95
C VAL D 132 3.78 4.53 18.63
N TRP D 133 3.66 4.20 17.35
CA TRP D 133 3.72 2.83 16.87
C TRP D 133 5.06 2.64 16.17
N THR D 134 5.91 1.78 16.75
CA THR D 134 7.21 1.46 16.17
C THR D 134 7.23 -0.03 15.86
N SER D 135 7.30 -0.38 14.58
CA SER D 135 7.22 -1.77 14.15
C SER D 135 8.38 -2.14 13.24
N PRO D 136 9.04 -3.28 13.46
CA PRO D 136 10.01 -3.76 12.47
C PRO D 136 9.30 -4.13 11.18
N GLU D 137 10.06 -4.22 10.11
CA GLU D 137 9.53 -4.64 8.81
C GLU D 137 9.80 -6.14 8.70
N ARG D 138 8.81 -6.93 9.12
CA ARG D 138 8.88 -8.38 9.02
C ARG D 138 8.10 -8.82 7.78
N HIS D 139 8.78 -9.54 6.88
CA HIS D 139 8.19 -9.95 5.62
C HIS D 139 7.63 -8.76 4.85
N GLY D 140 8.39 -7.66 4.86
CA GLY D 140 8.02 -6.50 4.08
C GLY D 140 6.72 -5.85 4.50
N ALA D 141 6.41 -5.87 5.79
CA ALA D 141 5.15 -5.32 6.27
C ALA D 141 5.22 -5.20 7.78
N MET D 142 4.27 -4.46 8.33
CA MET D 142 4.10 -4.40 9.77
C MET D 142 3.89 -5.78 10.35
N THR D 143 4.08 -5.85 11.67
CA THR D 143 4.13 -7.13 12.34
C THR D 143 2.75 -7.69 12.67
N GLY D 144 2.73 -9.01 12.90
CA GLY D 144 1.55 -9.62 13.47
C GLY D 144 1.31 -9.16 14.90
N VAL D 145 2.37 -8.85 15.64
CA VAL D 145 2.25 -8.32 17.01
C VAL D 145 1.58 -6.94 17.00
N MET D 146 2.12 -6.02 16.20
CA MET D 146 1.56 -4.68 16.09
C MET D 146 0.08 -4.72 15.74
N LYS D 147 -0.25 -5.43 14.66
CA LYS D 147 -1.62 -5.46 14.19
C LYS D 147 -2.51 -6.21 15.19
N SER D 148 -1.98 -7.21 15.87
CA SER D 148 -2.75 -7.90 16.91
C SER D 148 -3.07 -6.95 18.05
N GLN D 149 -2.10 -6.12 18.46
CA GLN D 149 -2.35 -5.13 19.50
C GLN D 149 -3.47 -4.19 19.09
N ILE D 150 -3.41 -3.67 17.86
CA ILE D 150 -4.45 -2.73 17.45
C ILE D 150 -5.78 -3.45 17.24
N ASP D 151 -5.74 -4.73 16.86
CA ASP D 151 -6.97 -5.49 16.63
C ASP D 151 -7.71 -5.75 17.94
N TRP D 152 -7.00 -5.77 19.07
CA TRP D 152 -7.63 -5.94 20.37
C TRP D 152 -8.33 -4.67 20.83
N ILE D 153 -8.13 -3.56 20.15
CA ILE D 153 -8.66 -2.25 20.54
C ILE D 153 -9.94 -1.99 19.77
N PRO D 154 -11.10 -1.92 20.42
CA PRO D 154 -12.32 -1.53 19.69
C PRO D 154 -12.30 -0.07 19.29
N LEU D 155 -12.89 0.21 18.12
CA LEU D 155 -13.06 1.60 17.70
C LEU D 155 -13.99 2.35 18.65
N SER D 156 -15.02 1.67 19.16
CA SER D 156 -15.97 2.27 20.10
C SER D 156 -16.15 1.28 21.24
N MET D 157 -15.71 1.66 22.44
CA MET D 157 -15.84 0.83 23.63
C MET D 157 -16.90 1.49 24.50
N GLY D 158 -18.16 1.13 24.26
CA GLY D 158 -19.26 1.70 25.02
C GLY D 158 -19.43 3.18 24.91
N ALA D 159 -19.01 3.91 25.95
CA ALA D 159 -19.10 5.36 25.97
C ALA D 159 -17.81 6.02 25.53
N ILE D 160 -16.71 5.28 25.46
CA ILE D 160 -15.40 5.80 25.14
C ILE D 160 -15.00 5.33 23.74
N ARG D 161 -14.35 6.22 22.99
CA ARG D 161 -13.72 5.88 21.71
C ARG D 161 -12.23 5.96 21.98
N PRO D 162 -11.53 4.83 22.14
CA PRO D 162 -10.19 4.89 22.75
C PRO D 162 -9.12 5.51 21.88
N THR D 163 -9.27 5.50 20.56
CA THR D 163 -8.26 6.07 19.68
C THR D 163 -8.67 7.39 19.03
N GLN D 164 -9.97 7.63 18.84
CA GLN D 164 -10.41 8.75 18.03
C GLN D 164 -9.83 10.06 18.55
N GLY D 165 -9.35 10.89 17.63
CA GLY D 165 -8.85 12.20 17.95
C GLY D 165 -7.43 12.23 18.46
N ARG D 166 -6.93 11.13 19.00
CA ARG D 166 -5.58 11.10 19.55
C ARG D 166 -4.56 11.14 18.41
N THR D 167 -3.44 11.79 18.70
CA THR D 167 -2.38 11.91 17.70
C THR D 167 -1.62 10.59 17.57
N LEU D 168 -0.88 10.47 16.47
CA LEU D 168 -0.16 9.23 16.18
C LEU D 168 1.09 9.56 15.38
N ALA D 169 2.21 8.95 15.80
CA ALA D 169 3.46 8.97 15.04
C ALA D 169 3.84 7.52 14.78
N VAL D 170 4.11 7.18 13.53
CA VAL D 170 4.44 5.82 13.12
C VAL D 170 5.93 5.76 12.80
N MET D 171 6.58 4.68 13.24
CA MET D 171 7.99 4.48 12.99
C MET D 171 8.24 2.99 12.70
N GLN D 172 9.35 2.71 12.04
CA GLN D 172 9.69 1.33 11.72
C GLN D 172 11.20 1.16 11.73
N VAL D 173 11.62 -0.03 12.15
CA VAL D 173 13.02 -0.44 12.08
C VAL D 173 13.10 -1.59 11.08
N SER D 174 14.28 -1.77 10.51
CA SER D 174 14.46 -2.84 9.54
C SER D 174 15.88 -3.37 9.63
N GLY D 175 16.02 -4.67 9.39
CA GLY D 175 17.33 -5.27 9.28
C GLY D 175 18.01 -5.00 7.97
N GLY D 176 17.26 -4.52 6.97
CA GLY D 176 17.81 -4.24 5.67
C GLY D 176 17.73 -2.77 5.28
N SER D 177 17.36 -2.51 4.04
CA SER D 177 17.29 -1.16 3.52
C SER D 177 16.32 -0.31 4.32
N GLN D 178 16.34 0.99 4.04
CA GLN D 178 15.38 1.94 4.61
C GLN D 178 14.16 1.93 3.70
N SER D 179 13.21 1.06 4.00
CA SER D 179 11.93 0.98 3.30
C SER D 179 10.83 1.54 4.19
N PHE D 180 9.60 1.57 3.64
CA PHE D 180 8.48 2.20 4.33
C PHE D 180 7.23 1.33 4.32
N ASN D 181 7.36 0.02 4.08
CA ASN D 181 6.18 -0.83 4.04
C ASN D 181 5.40 -0.74 5.35
N ALA D 182 6.09 -0.90 6.46
CA ALA D 182 5.42 -0.91 7.76
C ALA D 182 4.79 0.44 8.07
N VAL D 183 5.54 1.53 7.91
CA VAL D 183 4.99 2.85 8.24
C VAL D 183 3.84 3.20 7.31
N ASN D 184 3.88 2.75 6.06
CA ASN D 184 2.77 3.02 5.15
C ASN D 184 1.50 2.32 5.62
N GLN D 185 1.62 1.01 5.91
CA GLN D 185 0.48 0.28 6.42
C GLN D 185 -0.04 0.90 7.71
N MET D 186 0.85 1.40 8.56
CA MET D 186 0.42 1.96 9.84
C MET D 186 -0.20 3.33 9.69
N ARG D 187 0.23 4.13 8.72
CA ARG D 187 -0.46 5.39 8.43
C ARG D 187 -1.89 5.12 8.01
N VAL D 188 -2.09 4.13 7.13
CA VAL D 188 -3.45 3.81 6.72
C VAL D 188 -4.26 3.31 7.92
N LEU D 189 -3.67 2.44 8.74
CA LEU D 189 -4.35 1.97 9.93
C LEU D 189 -4.72 3.12 10.85
N GLY D 190 -3.81 4.08 11.02
CA GLY D 190 -4.13 5.26 11.80
C GLY D 190 -5.36 5.96 11.28
N ARG D 191 -5.48 6.08 9.96
CA ARG D 191 -6.69 6.69 9.42
C ARG D 191 -7.92 5.84 9.78
N TRP D 192 -7.76 4.52 9.82
CA TRP D 192 -8.89 3.67 10.22
C TRP D 192 -9.13 3.70 11.73
N MET D 193 -8.17 4.18 12.51
CA MET D 193 -8.38 4.41 13.94
C MET D 193 -8.92 5.80 14.23
N ARG D 194 -9.28 6.57 13.20
CA ARG D 194 -9.74 7.94 13.38
C ARG D 194 -8.77 8.71 14.27
N MET D 195 -7.48 8.49 14.02
CA MET D 195 -6.41 9.19 14.73
C MET D 195 -5.74 10.18 13.79
N LEU D 196 -5.17 11.24 14.36
CA LEU D 196 -4.46 12.24 13.56
C LEU D 196 -3.00 11.79 13.44
N THR D 197 -2.67 11.18 12.30
CA THR D 197 -1.32 10.69 12.07
C THR D 197 -0.44 11.83 11.57
N ILE D 198 0.61 12.13 12.31
CA ILE D 198 1.47 13.28 11.97
C ILE D 198 2.23 13.00 10.68
N PRO D 199 2.61 14.03 9.93
CA PRO D 199 3.31 13.78 8.65
C PRO D 199 4.61 13.03 8.82
N ASN D 200 5.50 13.50 9.69
CA ASN D 200 6.85 12.95 9.75
C ASN D 200 6.85 11.54 10.34
N GLN D 201 7.82 10.76 9.88
CA GLN D 201 7.99 9.37 10.27
C GLN D 201 9.47 9.06 10.13
N SER D 202 9.91 7.98 10.78
CA SER D 202 11.30 7.58 10.77
C SER D 202 11.40 6.11 10.38
N SER D 203 12.39 5.78 9.55
CA SER D 203 12.64 4.40 9.14
C SER D 203 14.12 4.11 9.33
N VAL D 204 14.43 3.18 10.23
CA VAL D 204 15.81 2.85 10.58
C VAL D 204 16.24 1.64 9.77
N ALA D 205 17.22 1.84 8.88
CA ALA D 205 17.78 0.75 8.09
C ALA D 205 18.88 0.06 8.86
N ARG D 206 18.95 -1.26 8.69
CA ARG D 206 19.97 -2.09 9.33
C ARG D 206 20.18 -1.67 10.79
N ALA D 207 19.09 -1.76 11.55
CA ALA D 207 19.06 -1.21 12.90
C ALA D 207 20.13 -1.81 13.80
N TYR D 208 20.55 -3.05 13.55
CA TYR D 208 21.54 -3.68 14.42
C TYR D 208 22.84 -2.88 14.47
N GLN D 209 23.13 -2.13 13.41
CA GLN D 209 24.34 -1.32 13.38
C GLN D 209 24.20 -0.01 14.15
N GLU D 210 23.00 0.35 14.59
CA GLU D 210 22.76 1.67 15.18
C GLU D 210 22.59 1.62 16.68
N PHE D 211 22.50 0.44 17.28
CA PHE D 211 22.29 0.29 18.72
C PHE D 211 23.46 -0.50 19.29
N ASP D 212 24.01 -0.02 20.41
CA ASP D 212 25.08 -0.73 21.09
C ASP D 212 24.50 -1.96 21.79
N GLU D 213 25.37 -2.70 22.49
CA GLU D 213 24.92 -3.91 23.16
C GLU D 213 24.02 -3.57 24.35
N ALA D 214 24.17 -2.37 24.92
CA ALA D 214 23.31 -1.94 26.01
C ALA D 214 21.91 -1.55 25.53
N GLY D 215 21.77 -1.21 24.25
CA GLY D 215 20.50 -0.85 23.69
C GLY D 215 20.35 0.61 23.32
N ARG D 216 21.35 1.45 23.62
CA ARG D 216 21.29 2.85 23.25
C ARG D 216 21.72 3.03 21.80
N MET D 217 21.13 4.03 21.14
CA MET D 217 21.31 4.26 19.72
C MET D 217 22.47 5.21 19.47
N ARG D 218 23.32 4.87 18.51
CA ARG D 218 24.48 5.69 18.19
C ARG D 218 24.03 6.94 17.43
N PRO D 219 24.79 8.04 17.54
CA PRO D 219 24.43 9.26 16.81
C PRO D 219 24.35 9.00 15.31
N SER D 220 23.25 9.43 14.71
CA SER D 220 23.04 9.23 13.28
C SER D 220 21.89 10.12 12.82
N SER D 221 21.73 10.22 11.50
CA SER D 221 20.58 10.92 10.94
C SER D 221 19.28 10.21 11.33
N TYR D 222 19.33 8.89 11.53
CA TYR D 222 18.14 8.16 11.98
C TYR D 222 17.67 8.66 13.34
N TYR D 223 18.60 8.81 14.29
CA TYR D 223 18.22 9.32 15.60
C TYR D 223 17.67 10.74 15.49
N ASP D 224 18.31 11.59 14.68
CA ASP D 224 17.84 12.96 14.51
C ASP D 224 16.45 13.00 13.92
N ARG D 225 16.16 12.12 12.96
CA ARG D 225 14.80 12.06 12.42
C ARG D 225 13.82 11.64 13.50
N ILE D 226 14.20 10.68 14.34
CA ILE D 226 13.34 10.29 15.45
C ILE D 226 13.06 11.49 16.35
N VAL D 227 14.09 12.31 16.58
CA VAL D 227 13.92 13.48 17.44
C VAL D 227 12.96 14.47 16.81
N ASP D 228 13.13 14.73 15.51
CA ASP D 228 12.19 15.58 14.78
C ASP D 228 10.78 15.03 14.91
N VAL D 229 10.62 13.72 14.82
CA VAL D 229 9.28 13.12 14.83
C VAL D 229 8.63 13.28 16.20
N MET D 230 9.39 13.02 17.27
CA MET D 230 8.82 13.15 18.61
C MET D 230 8.50 14.61 18.92
N GLU D 231 9.37 15.53 18.51
CA GLU D 231 9.10 16.95 18.64
C GLU D 231 7.80 17.31 17.95
N GLU D 232 7.64 16.90 16.69
CA GLU D 232 6.42 17.20 15.96
C GLU D 232 5.20 16.57 16.63
N LEU D 233 5.36 15.37 17.17
CA LEU D 233 4.24 14.71 17.83
C LEU D 233 3.77 15.51 19.04
N VAL D 234 4.72 15.97 19.85
CA VAL D 234 4.34 16.75 21.02
C VAL D 234 3.69 18.07 20.59
N LYS D 235 4.27 18.72 19.58
CA LYS D 235 3.69 19.96 19.06
C LYS D 235 2.25 19.75 18.64
N PHE D 236 1.99 18.71 17.85
CA PHE D 236 0.64 18.49 17.35
C PHE D 236 -0.32 18.04 18.44
N THR D 237 0.18 17.33 19.45
CA THR D 237 -0.68 16.98 20.58
C THR D 237 -1.09 18.22 21.35
N LEU D 238 -0.15 19.15 21.58
CA LEU D 238 -0.50 20.37 22.29
C LEU D 238 -1.47 21.22 21.49
N ALA D 239 -1.34 21.24 20.17
CA ALA D 239 -2.18 22.09 19.34
C ALA D 239 -3.57 21.52 19.09
N THR D 240 -3.83 20.27 19.49
CA THR D 240 -5.11 19.65 19.22
C THR D 240 -5.80 19.05 20.43
N ARG D 241 -5.08 18.67 21.48
CA ARG D 241 -5.69 17.86 22.54
C ARG D 241 -6.90 18.55 23.16
N ASP D 242 -6.95 19.88 23.12
CA ASP D 242 -8.10 20.57 23.71
C ASP D 242 -9.30 20.58 22.77
N LEU D 243 -9.08 20.48 21.47
CA LEU D 243 -10.16 20.55 20.48
C LEU D 243 -10.65 19.18 20.04
N SER D 244 -10.20 18.10 20.66
CA SER D 244 -10.57 16.77 20.20
C SER D 244 -12.08 16.58 20.20
N ALA D 245 -12.74 17.00 21.28
CA ALA D 245 -14.19 16.86 21.35
C ALA D 245 -14.87 17.67 20.25
N PHE D 246 -14.37 18.88 19.99
CA PHE D 246 -14.92 19.70 18.92
C PHE D 246 -14.60 19.12 17.55
N LEU D 247 -13.38 18.61 17.36
CA LEU D 247 -12.99 18.08 16.06
C LEU D 247 -13.79 16.84 15.69
N THR D 248 -14.23 16.07 16.69
CA THR D 248 -14.99 14.85 16.43
C THR D 248 -16.51 15.10 16.46
N ASP D 249 -16.93 16.36 16.43
CA ASP D 249 -18.33 16.74 16.36
C ASP D 249 -18.69 16.89 14.88
N ARG D 250 -19.34 15.86 14.32
CA ARG D 250 -19.51 15.74 12.88
C ARG D 250 -20.94 16.01 12.46
N TYR D 251 -21.10 16.63 11.28
CA TYR D 251 -22.43 16.91 10.75
C TYR D 251 -23.26 15.64 10.65
N SER D 252 -22.65 14.54 10.17
CA SER D 252 -23.36 13.27 10.08
C SER D 252 -23.97 12.87 11.42
N GLU D 253 -23.17 12.90 12.47
CA GLU D 253 -23.64 12.46 13.79
C GLU D 253 -24.77 13.35 14.29
N ARG D 254 -24.62 14.67 14.14
CA ARG D 254 -25.68 15.58 14.55
C ARG D 254 -26.95 15.37 13.74
N LYS D 255 -26.82 15.06 12.45
CA LYS D 255 -27.99 14.89 11.58
C LYS D 255 -28.86 13.71 11.99
N GLU D 256 -28.27 12.66 12.55
CA GLU D 256 -29.05 11.53 13.04
C GLU D 256 -29.76 11.83 14.35
N ALA D 257 -29.73 13.09 14.80
CA ALA D 257 -30.52 13.54 15.93
C ALA D 257 -32.01 13.51 15.59
N ALA D 258 -32.49 12.38 15.07
CA ALA D 258 -33.88 12.24 14.68
C ALA D 258 -34.65 11.33 15.62
#